data_7OVP
#
_entry.id   7OVP
#
_cell.length_a   50.620
_cell.length_b   188.600
_cell.length_c   58.290
_cell.angle_alpha   90.000
_cell.angle_beta   112.904
_cell.angle_gamma   90.000
#
_symmetry.space_group_name_H-M   'P 1 21 1'
#
_entity_poly.entity_id   1
_entity_poly.type   'polypeptide(L)'
_entity_poly.pdbx_seq_one_letter_code
;PIFEARVKVGISSSWVTSRKVSWRDAIAQIESDRIVVKYLK(MSE)GEVVGEDSFPFSALIDLGVRIPDELKLNPEKDHF
GIKFYIPGRGELLVIFTIEENLLIYDEKKFSEFVHKVFEVLINGKTV(MSE)LQLARIIGGAVN(MSE)ESKWEEGWLRV
IKVKSARTQKTERSIVVIIKDKRPVSIFSDLEDIEIEEVD(MSE)NGKRVRAWKIRHFHIDQSVTSYLYIPDKQTQLYVL
RYLLKYNPAI(MSE)EFI(MSE)KVSDDFPTLKSEFQEI(MSE)EKEIKELEALDE(MSE)EKQILVALYSGINPLELHQ
FLGVSEKEIEEIYDR(MSE)IDKGLLKIV(MSE)IRKIVDLTNEGRKIVNKLLKYGLVS(MSE)
;
_entity_poly.pdbx_strand_id   A,B
#
# COMPACT_ATOMS: atom_id res chain seq x y z
N PRO A 1 56.09 -4.64 -13.83
CA PRO A 1 55.51 -3.37 -13.41
C PRO A 1 54.55 -3.52 -12.22
N ILE A 2 54.26 -2.41 -11.55
CA ILE A 2 53.37 -2.42 -10.40
C ILE A 2 51.96 -2.79 -10.82
N PHE A 3 51.47 -2.23 -11.93
CA PHE A 3 50.08 -2.46 -12.29
C PHE A 3 49.86 -2.09 -13.75
N GLU A 4 48.97 -2.81 -14.42
CA GLU A 4 48.63 -2.55 -15.81
C GLU A 4 47.12 -2.37 -15.97
N ALA A 5 46.72 -1.79 -17.09
CA ALA A 5 45.31 -1.65 -17.41
C ALA A 5 45.13 -1.38 -18.90
N ARG A 6 44.27 -2.16 -19.54
CA ARG A 6 43.85 -1.89 -20.91
C ARG A 6 42.79 -0.79 -20.89
N VAL A 7 42.99 0.25 -21.72
CA VAL A 7 42.30 1.52 -21.51
C VAL A 7 42.38 2.34 -22.78
N LYS A 8 41.49 3.34 -22.91
CA LYS A 8 41.65 4.41 -23.88
C LYS A 8 42.47 5.54 -23.26
N VAL A 9 43.40 6.08 -24.04
CA VAL A 9 44.22 7.20 -23.61
C VAL A 9 44.06 8.36 -24.60
N GLY A 10 43.83 9.54 -24.07
CA GLY A 10 43.79 10.75 -24.88
C GLY A 10 44.68 11.82 -24.29
N ILE A 11 45.46 12.46 -25.14
CA ILE A 11 46.42 13.47 -24.74
C ILE A 11 46.03 14.79 -25.38
N SER A 12 45.95 15.85 -24.58
CA SER A 12 45.30 17.09 -24.99
C SER A 12 46.25 18.07 -25.66
N SER A 13 47.43 18.26 -25.08
CA SER A 13 48.28 19.45 -25.24
C SER A 13 47.63 20.66 -24.59
N SER A 14 46.42 20.52 -24.03
CA SER A 14 45.79 21.44 -23.10
C SER A 14 46.06 22.90 -23.41
N TRP A 15 45.70 23.34 -24.61
CA TRP A 15 45.92 24.72 -24.95
C TRP A 15 44.63 25.32 -25.52
N VAL A 16 44.62 26.66 -25.63
CA VAL A 16 43.46 27.34 -26.15
C VAL A 16 43.15 26.83 -27.56
N THR A 17 41.89 26.95 -27.96
CA THR A 17 41.36 26.21 -29.10
C THR A 17 41.72 24.74 -28.96
N SER A 18 41.47 24.20 -27.76
CA SER A 18 41.76 22.79 -27.52
C SER A 18 41.01 21.98 -28.57
N ARG A 19 41.76 21.42 -29.51
CA ARG A 19 41.15 20.58 -30.52
C ARG A 19 40.72 19.27 -29.89
N LYS A 20 39.70 18.66 -30.47
CA LYS A 20 39.21 17.38 -29.98
C LYS A 20 40.37 16.42 -29.72
N VAL A 21 40.42 15.86 -28.52
CA VAL A 21 41.48 14.94 -28.19
C VAL A 21 41.32 13.67 -29.02
N SER A 22 42.45 13.08 -29.40
CA SER A 22 42.45 11.86 -30.18
C SER A 22 42.72 10.68 -29.25
N TRP A 23 41.81 9.72 -29.24
CA TRP A 23 41.88 8.58 -28.35
C TRP A 23 42.58 7.43 -29.07
N ARG A 24 43.55 6.81 -28.40
CA ARG A 24 44.20 5.62 -28.95
C ARG A 24 44.01 4.43 -28.02
N ASP A 25 44.19 3.24 -28.60
CA ASP A 25 44.18 2.01 -27.83
C ASP A 25 45.56 1.75 -27.26
N ALA A 26 45.61 1.53 -25.96
CA ALA A 26 46.89 1.29 -25.30
C ALA A 26 46.63 0.50 -24.03
N ILE A 27 47.72 -0.05 -23.48
CA ILE A 27 47.74 -0.57 -22.12
C ILE A 27 48.68 0.31 -21.31
N ALA A 28 48.24 0.72 -20.13
CA ALA A 28 48.96 1.67 -19.30
C ALA A 28 49.60 0.94 -18.13
N GLN A 29 50.87 1.22 -17.88
CA GLN A 29 51.64 0.55 -16.85
C GLN A 29 52.16 1.56 -15.84
N ILE A 30 51.99 1.26 -14.56
CA ILE A 30 52.58 2.03 -13.48
C ILE A 30 53.94 1.45 -13.15
N GLU A 31 54.97 2.27 -13.19
CA GLU A 31 56.29 1.92 -12.69
C GLU A 31 56.56 2.67 -11.39
N SER A 32 57.78 2.50 -10.87
CA SER A 32 58.18 3.24 -9.68
C SER A 32 58.21 4.74 -9.94
N ASP A 33 58.72 5.15 -11.11
CA ASP A 33 59.02 6.54 -11.37
C ASP A 33 58.27 7.14 -12.55
N ARG A 34 57.34 6.42 -13.16
CA ARG A 34 56.72 6.91 -14.39
C ARG A 34 55.48 6.08 -14.70
N ILE A 35 54.67 6.61 -15.60
CA ILE A 35 53.61 5.86 -16.26
C ILE A 35 54.01 5.68 -17.71
N VAL A 36 54.17 4.44 -18.15
CA VAL A 36 54.48 4.15 -19.54
C VAL A 36 53.19 3.70 -20.23
N VAL A 37 52.95 4.23 -21.42
CA VAL A 37 51.74 3.94 -22.18
C VAL A 37 52.14 3.22 -23.45
N LYS A 38 51.70 1.97 -23.61
CA LYS A 38 52.07 1.11 -24.73
C LYS A 38 50.88 1.01 -25.68
N TYR A 39 50.98 1.67 -26.83
CA TYR A 39 49.87 1.77 -27.75
C TYR A 39 49.70 0.49 -28.55
N LEU A 40 48.46 0.22 -28.97
CA LEU A 40 48.11 -1.03 -29.60
C LEU A 40 47.49 -0.82 -30.98
N LYS A 41 48.07 -1.48 -31.98
CA LYS A 41 47.36 -1.80 -33.21
C LYS A 41 47.03 -3.28 -33.17
N MSE A 42 45.75 -3.61 -33.37
CA MSE A 42 45.26 -4.97 -33.20
C MSE A 42 45.63 -5.45 -31.80
O MSE A 42 45.17 -4.88 -30.80
CB MSE A 42 45.84 -5.89 -34.26
CG MSE A 42 45.73 -5.33 -35.68
SE MSE A 42 43.91 -4.95 -36.27
CE MSE A 42 44.32 -4.21 -38.02
N GLY A 43 46.47 -6.48 -31.72
CA GLY A 43 47.08 -6.91 -30.48
C GLY A 43 48.52 -6.53 -30.33
N GLU A 44 49.10 -5.84 -31.31
CA GLU A 44 50.52 -5.52 -31.36
C GLU A 44 50.77 -4.14 -30.76
N VAL A 45 52.03 -3.82 -30.50
CA VAL A 45 52.43 -2.52 -29.94
C VAL A 45 53.14 -1.72 -31.02
N VAL A 46 52.64 -0.51 -31.28
CA VAL A 46 53.25 0.36 -32.28
C VAL A 46 54.30 1.26 -31.66
N GLY A 47 54.09 1.73 -30.44
CA GLY A 47 55.03 2.62 -29.79
C GLY A 47 54.64 2.82 -28.34
N GLU A 48 55.40 3.70 -27.68
CA GLU A 48 55.14 3.95 -26.27
C GLU A 48 55.52 5.38 -25.92
N ASP A 49 54.90 5.89 -24.86
CA ASP A 49 55.26 7.15 -24.24
C ASP A 49 55.60 6.90 -22.78
N SER A 50 56.64 7.57 -22.31
CA SER A 50 56.98 7.57 -20.88
C SER A 50 56.66 8.94 -20.30
N PHE A 51 55.96 8.94 -19.17
CA PHE A 51 55.58 10.18 -18.51
C PHE A 51 56.16 10.19 -17.09
N PRO A 52 57.22 10.95 -16.83
CA PRO A 52 57.88 10.88 -15.52
C PRO A 52 57.04 11.50 -14.40
N PHE A 53 57.09 10.85 -13.22
CA PHE A 53 56.58 11.47 -12.01
C PHE A 53 57.34 12.73 -11.66
N SER A 54 58.57 12.87 -12.16
CA SER A 54 59.31 14.11 -12.00
C SER A 54 58.56 15.28 -12.59
N ALA A 55 57.73 15.04 -13.60
CA ALA A 55 57.02 16.08 -14.31
C ALA A 55 55.53 16.11 -14.00
N LEU A 56 55.07 15.38 -13.00
CA LEU A 56 53.65 15.30 -12.71
C LEU A 56 53.22 16.59 -12.01
N ILE A 57 52.38 17.37 -12.69
CA ILE A 57 51.91 18.64 -12.13
C ILE A 57 50.70 18.42 -11.23
N ASP A 58 49.70 17.69 -11.72
CA ASP A 58 48.46 17.51 -10.99
C ASP A 58 47.78 16.25 -11.51
N LEU A 59 46.90 15.67 -10.68
CA LEU A 59 46.14 14.50 -11.08
C LEU A 59 44.75 14.58 -10.49
N GLY A 60 43.82 13.86 -11.11
CA GLY A 60 42.44 13.91 -10.66
C GLY A 60 41.72 15.13 -11.12
N VAL A 61 42.19 15.77 -12.20
CA VAL A 61 41.69 17.08 -12.60
C VAL A 61 40.29 16.94 -13.17
N ARG A 62 39.71 18.06 -13.45
CA ARG A 62 38.32 18.12 -13.87
C ARG A 62 38.29 18.04 -15.40
N ILE A 63 37.56 17.08 -15.96
CA ILE A 63 37.57 16.78 -17.39
C ILE A 63 36.37 17.48 -18.05
N PRO A 64 36.59 18.37 -19.00
CA PRO A 64 35.47 18.98 -19.71
C PRO A 64 34.66 17.94 -20.47
N ASP A 65 33.36 18.17 -20.54
CA ASP A 65 32.50 17.29 -21.33
C ASP A 65 32.89 17.31 -22.80
N GLU A 66 33.43 18.43 -23.28
CA GLU A 66 33.92 18.49 -24.65
C GLU A 66 35.07 17.53 -24.90
N LEU A 67 35.82 17.16 -23.86
CA LEU A 67 36.93 16.23 -23.99
C LEU A 67 36.59 14.80 -23.57
N LYS A 68 35.36 14.53 -23.15
CA LYS A 68 34.99 13.17 -22.77
C LYS A 68 34.74 12.31 -24.01
N LEU A 69 35.29 11.10 -23.99
CA LEU A 69 34.85 10.02 -24.84
C LEU A 69 33.97 9.08 -24.03
N ASN A 70 32.82 8.73 -24.59
CA ASN A 70 31.89 7.81 -23.96
C ASN A 70 31.49 8.38 -22.59
N PRO A 71 30.66 9.42 -22.55
CA PRO A 71 30.40 10.10 -21.28
C PRO A 71 29.83 9.21 -20.18
N GLU A 72 29.43 7.97 -20.49
CA GLU A 72 28.95 7.08 -19.43
C GLU A 72 30.10 6.64 -18.53
N LYS A 73 31.25 6.31 -19.10
CA LYS A 73 32.35 5.75 -18.34
C LYS A 73 33.08 6.87 -17.59
N ASP A 74 33.99 6.47 -16.70
CA ASP A 74 34.74 7.40 -15.88
C ASP A 74 36.07 7.77 -16.52
N HIS A 75 36.47 9.02 -16.33
CA HIS A 75 37.67 9.59 -16.91
C HIS A 75 38.61 9.99 -15.78
N PHE A 76 39.90 9.83 -16.01
CA PHE A 76 40.91 10.24 -15.04
C PHE A 76 42.02 10.96 -15.78
N GLY A 77 42.25 12.23 -15.44
CA GLY A 77 43.22 13.07 -16.12
C GLY A 77 44.41 13.36 -15.22
N ILE A 78 45.60 13.17 -15.78
CA ILE A 78 46.85 13.47 -15.10
C ILE A 78 47.62 14.46 -15.96
N LYS A 79 48.09 15.53 -15.34
CA LYS A 79 48.69 16.66 -16.03
C LYS A 79 50.20 16.64 -15.80
N PHE A 80 50.99 16.60 -16.87
CA PHE A 80 52.43 16.68 -16.71
C PHE A 80 52.94 17.90 -17.46
N TYR A 81 54.08 18.42 -17.00
CA TYR A 81 54.89 19.36 -17.77
C TYR A 81 56.21 18.69 -18.14
N ILE A 82 56.28 18.13 -19.34
CA ILE A 82 57.57 17.62 -19.79
C ILE A 82 58.26 18.77 -20.52
N PRO A 83 59.52 19.05 -20.18
CA PRO A 83 60.13 20.33 -20.60
C PRO A 83 60.18 20.54 -22.11
N GLY A 84 60.40 19.48 -22.88
CA GLY A 84 60.52 19.64 -24.32
C GLY A 84 59.23 20.07 -24.99
N ARG A 85 58.11 19.45 -24.61
CA ARG A 85 56.83 19.70 -25.27
C ARG A 85 56.08 20.85 -24.60
N GLY A 86 55.76 20.67 -23.31
CA GLY A 86 54.93 21.62 -22.61
C GLY A 86 54.04 20.92 -21.60
N GLU A 87 52.91 21.53 -21.28
CA GLU A 87 52.00 21.01 -20.27
C GLU A 87 50.93 20.15 -20.94
N LEU A 88 50.91 18.87 -20.58
CA LEU A 88 50.07 17.87 -21.23
C LEU A 88 49.02 17.37 -20.25
N LEU A 89 47.80 17.14 -20.76
CA LEU A 89 46.75 16.48 -20.01
C LEU A 89 46.59 15.08 -20.57
N VAL A 90 47.03 14.08 -19.81
CA VAL A 90 46.85 12.69 -20.18
C VAL A 90 45.58 12.19 -19.48
N ILE A 91 44.61 11.73 -20.26
CA ILE A 91 43.34 11.25 -19.74
C ILE A 91 43.21 9.76 -20.05
N PHE A 92 42.84 8.98 -19.03
CA PHE A 92 42.61 7.56 -19.16
C PHE A 92 41.12 7.28 -18.98
N THR A 93 40.56 6.45 -19.86
CA THR A 93 39.17 6.05 -19.68
C THR A 93 38.94 4.71 -20.37
N ILE A 94 38.07 3.90 -19.78
CA ILE A 94 37.75 2.60 -20.33
C ILE A 94 36.53 2.70 -21.25
N GLU A 95 36.36 1.66 -22.08
CA GLU A 95 35.29 1.59 -23.07
C GLU A 95 34.32 0.49 -22.65
N GLU A 96 33.21 0.36 -23.39
CA GLU A 96 32.12 -0.51 -22.93
C GLU A 96 32.46 -1.99 -23.06
N ASN A 97 33.03 -2.41 -24.19
CA ASN A 97 33.07 -3.84 -24.51
C ASN A 97 33.73 -4.64 -23.39
N LEU A 98 32.99 -5.64 -22.89
CA LEU A 98 33.36 -6.37 -21.68
C LEU A 98 34.48 -7.38 -21.91
N LEU A 99 34.87 -7.63 -23.16
CA LEU A 99 35.94 -8.58 -23.42
C LEU A 99 37.31 -7.91 -23.45
N ILE A 100 37.35 -6.58 -23.43
CA ILE A 100 38.60 -5.83 -23.41
C ILE A 100 38.77 -5.06 -22.11
N TYR A 101 37.68 -4.46 -21.60
CA TYR A 101 37.76 -3.46 -20.55
C TYR A 101 37.07 -3.94 -19.28
N ASP A 102 37.64 -3.55 -18.14
CA ASP A 102 37.14 -3.90 -16.82
C ASP A 102 37.15 -2.65 -15.96
N GLU A 103 36.00 -2.28 -15.40
CA GLU A 103 35.92 -1.00 -14.68
C GLU A 103 36.61 -1.07 -13.32
N LYS A 104 36.44 -2.17 -12.59
CA LYS A 104 37.08 -2.31 -11.29
C LYS A 104 38.61 -2.35 -11.42
N LYS A 105 39.11 -3.05 -12.44
CA LYS A 105 40.55 -3.10 -12.65
C LYS A 105 41.11 -1.72 -12.99
N PHE A 106 40.39 -0.97 -13.84
CA PHE A 106 40.74 0.42 -14.10
C PHE A 106 40.64 1.27 -12.84
N SER A 107 39.63 1.03 -12.02
CA SER A 107 39.47 1.79 -10.78
C SER A 107 40.63 1.55 -9.83
N GLU A 108 41.17 0.33 -9.80
CA GLU A 108 42.35 0.08 -8.98
C GLU A 108 43.58 0.78 -9.55
N PHE A 109 43.72 0.75 -10.89
CA PHE A 109 44.85 1.39 -11.55
C PHE A 109 45.01 2.84 -11.14
N VAL A 110 43.92 3.61 -11.14
CA VAL A 110 44.01 5.01 -10.77
C VAL A 110 44.37 5.15 -9.30
N HIS A 111 43.85 4.27 -8.46
CA HIS A 111 44.17 4.32 -7.04
C HIS A 111 45.65 4.03 -6.78
N LYS A 112 46.22 3.05 -7.49
CA LYS A 112 47.64 2.76 -7.34
C LYS A 112 48.51 3.95 -7.69
N VAL A 113 48.03 4.82 -8.60
CA VAL A 113 48.81 6.01 -8.96
C VAL A 113 49.00 6.91 -7.74
N PHE A 114 47.92 7.16 -7.00
CA PHE A 114 48.03 7.90 -5.75
C PHE A 114 48.95 7.18 -4.77
N GLU A 115 48.79 5.86 -4.63
CA GLU A 115 49.56 5.11 -3.65
C GLU A 115 51.05 5.28 -3.91
N VAL A 116 51.46 5.16 -5.17
CA VAL A 116 52.88 5.32 -5.51
C VAL A 116 53.33 6.74 -5.27
N LEU A 117 52.49 7.72 -5.58
CA LEU A 117 52.88 9.12 -5.39
C LEU A 117 53.03 9.49 -3.92
N ILE A 118 52.21 8.92 -3.04
CA ILE A 118 52.10 9.40 -1.67
C ILE A 118 52.86 8.54 -0.67
N ASN A 119 52.82 7.21 -0.81
CA ASN A 119 53.39 6.34 0.22
C ASN A 119 54.86 6.65 0.44
N GLY A 120 55.23 6.85 1.70
CA GLY A 120 56.61 7.07 2.09
C GLY A 120 57.09 8.49 2.00
N LYS A 121 56.25 9.42 1.54
CA LYS A 121 56.65 10.82 1.50
C LYS A 121 56.75 11.38 2.92
N THR A 122 57.77 12.21 3.14
CA THR A 122 58.14 12.66 4.47
C THR A 122 57.17 13.72 5.00
N VAL A 123 56.98 13.71 6.32
CA VAL A 123 56.06 14.62 6.98
C VAL A 123 56.49 14.78 8.43
N MSE A 124 56.36 15.99 8.96
CA MSE A 124 56.63 16.23 10.37
C MSE A 124 55.28 16.47 11.09
O MSE A 124 54.41 17.14 10.55
CB MSE A 124 57.63 17.39 10.57
CG MSE A 124 57.08 18.82 10.39
SE MSE A 124 58.40 20.29 10.64
CE MSE A 124 58.68 20.23 12.57
N LEU A 125 55.12 15.87 12.27
CA LEU A 125 53.83 15.81 12.93
C LEU A 125 53.98 16.10 14.42
N GLN A 126 53.12 16.98 14.94
CA GLN A 126 53.04 17.27 16.37
C GLN A 126 51.63 16.90 16.82
N LEU A 127 51.52 15.79 17.56
CA LEU A 127 50.23 15.19 17.85
C LEU A 127 49.64 15.74 19.14
N ALA A 128 48.39 16.19 19.06
CA ALA A 128 47.59 16.60 20.22
C ALA A 128 48.27 17.75 20.98
N ARG A 129 48.36 18.89 20.30
CA ARG A 129 49.03 20.05 20.88
C ARG A 129 48.10 20.92 21.73
N ILE A 130 46.78 20.80 21.59
CA ILE A 130 45.88 21.33 22.62
C ILE A 130 45.01 20.18 23.07
N ILE A 131 44.60 20.22 24.33
CA ILE A 131 43.59 19.31 24.87
C ILE A 131 42.67 20.11 25.76
N GLY A 132 41.41 20.23 25.37
CA GLY A 132 40.47 21.05 26.12
C GLY A 132 40.86 22.52 26.17
N GLY A 133 41.57 23.00 25.16
CA GLY A 133 41.98 24.40 25.13
C GLY A 133 43.21 24.73 25.94
N ALA A 134 44.04 23.75 26.25
CA ALA A 134 45.30 23.96 26.96
C ALA A 134 46.40 23.20 26.24
N VAL A 135 47.53 23.87 26.03
CA VAL A 135 48.56 23.36 25.11
C VAL A 135 49.36 22.26 25.81
N ASN A 136 49.50 21.12 25.14
CA ASN A 136 50.16 19.94 25.70
C ASN A 136 51.67 20.14 25.67
N MSE A 137 52.31 20.04 26.84
CA MSE A 137 53.75 20.21 26.96
C MSE A 137 54.50 18.90 26.69
O MSE A 137 55.72 18.86 26.59
CB MSE A 137 54.11 20.74 28.34
CG MSE A 137 53.56 22.13 28.66
SE MSE A 137 54.34 23.58 27.60
CE MSE A 137 52.92 23.85 26.31
N GLU A 138 53.75 17.80 26.60
CA GLU A 138 54.29 16.49 26.23
C GLU A 138 54.23 16.25 24.73
N SER A 139 53.76 17.23 23.96
CA SER A 139 53.58 17.08 22.52
C SER A 139 54.83 17.58 21.81
N LYS A 140 55.61 16.65 21.25
CA LYS A 140 56.82 16.96 20.50
C LYS A 140 56.59 16.74 19.02
N TRP A 141 57.41 17.42 18.22
CA TRP A 141 57.40 17.17 16.78
C TRP A 141 58.02 15.82 16.47
N GLU A 142 57.36 15.07 15.60
CA GLU A 142 57.77 13.73 15.24
C GLU A 142 57.95 13.70 13.72
N GLU A 143 59.02 13.06 13.25
CA GLU A 143 59.13 12.86 11.82
C GLU A 143 58.51 11.52 11.45
N GLY A 144 57.95 11.47 10.25
CA GLY A 144 57.30 10.26 9.79
C GLY A 144 57.03 10.34 8.30
N TRP A 145 56.27 9.37 7.81
CA TRP A 145 55.95 9.33 6.40
C TRP A 145 54.48 8.99 6.21
N LEU A 146 53.95 9.43 5.07
CA LEU A 146 52.56 9.21 4.73
C LEU A 146 52.34 7.77 4.28
N ARG A 147 51.14 7.27 4.53
CA ARG A 147 50.74 5.94 4.08
C ARG A 147 49.27 6.02 3.72
N VAL A 148 48.94 5.71 2.48
CA VAL A 148 47.53 5.60 2.10
C VAL A 148 46.99 4.23 2.51
N ILE A 149 45.93 4.25 3.30
CA ILE A 149 45.37 3.05 3.91
C ILE A 149 43.88 3.29 4.09
N LYS A 150 43.13 2.23 4.39
CA LYS A 150 41.75 2.38 4.83
C LYS A 150 41.75 2.55 6.34
N VAL A 151 41.27 3.70 6.80
CA VAL A 151 41.12 3.91 8.24
C VAL A 151 39.69 3.52 8.60
N LYS A 152 39.57 2.54 9.47
CA LYS A 152 38.30 1.85 9.64
C LYS A 152 37.43 2.48 10.69
N SER A 153 38.03 3.13 11.68
CA SER A 153 37.25 3.93 12.61
C SER A 153 37.07 5.33 12.07
N ALA A 154 35.92 5.88 12.37
CA ALA A 154 35.73 7.30 12.64
C ALA A 154 35.23 7.36 14.07
N ARG A 155 34.79 8.53 14.50
CA ARG A 155 33.88 8.54 15.62
C ARG A 155 32.55 7.87 15.26
N THR A 156 32.25 7.77 13.96
CA THR A 156 31.06 7.07 13.48
C THR A 156 31.27 5.56 13.37
N GLN A 157 32.52 5.09 13.41
CA GLN A 157 32.86 3.69 13.12
C GLN A 157 32.46 3.28 11.70
N LYS A 158 32.64 4.20 10.76
CA LYS A 158 32.43 3.91 9.35
C LYS A 158 33.78 3.92 8.64
N THR A 159 34.09 2.83 7.95
CA THR A 159 35.39 2.67 7.30
C THR A 159 35.49 3.57 6.07
N GLU A 160 36.58 4.30 5.96
CA GLU A 160 36.75 5.32 4.93
C GLU A 160 38.20 5.33 4.47
N ARG A 161 38.40 5.46 3.16
CA ARG A 161 39.75 5.58 2.63
C ARG A 161 40.35 6.93 3.05
N SER A 162 41.57 6.89 3.59
CA SER A 162 42.20 8.10 4.11
C SER A 162 43.71 7.93 4.02
N ILE A 163 44.43 8.88 4.59
CA ILE A 163 45.88 8.86 4.65
C ILE A 163 46.30 8.99 6.10
N VAL A 164 47.22 8.13 6.55
CA VAL A 164 47.64 8.11 7.94
C VAL A 164 49.11 8.51 8.01
N VAL A 165 49.54 8.89 9.21
CA VAL A 165 50.92 9.29 9.46
C VAL A 165 51.60 8.15 10.21
N ILE A 166 52.59 7.53 9.57
CA ILE A 166 53.39 6.50 10.21
C ILE A 166 54.48 7.18 11.04
N ILE A 167 54.61 6.76 12.29
CA ILE A 167 55.57 7.35 13.21
C ILE A 167 56.36 6.25 13.90
N LYS A 168 57.61 6.56 14.23
CA LYS A 168 58.50 5.57 14.82
C LYS A 168 57.94 5.09 16.16
N ASP A 169 57.86 3.76 16.31
CA ASP A 169 57.52 3.07 17.55
C ASP A 169 56.06 3.25 17.98
N LYS A 170 55.22 3.93 17.18
CA LYS A 170 53.81 4.05 17.50
C LYS A 170 52.97 3.80 16.25
N ARG A 171 51.78 3.23 16.47
CA ARG A 171 50.90 2.87 15.38
C ARG A 171 50.29 4.12 14.74
N PRO A 172 49.89 4.04 13.47
CA PRO A 172 49.68 5.27 12.68
C PRO A 172 48.58 6.16 13.24
N VAL A 173 48.76 7.46 13.03
CA VAL A 173 47.80 8.48 13.44
C VAL A 173 46.87 8.79 12.28
N SER A 174 45.56 8.74 12.54
CA SER A 174 44.53 8.87 11.52
C SER A 174 44.16 10.34 11.32
N ILE A 175 45.16 11.11 10.87
CA ILE A 175 45.12 12.56 10.96
C ILE A 175 44.03 13.21 10.11
N PHE A 176 43.36 12.47 9.23
CA PHE A 176 42.35 13.05 8.36
C PHE A 176 40.97 12.43 8.55
N SER A 177 40.66 11.90 9.72
CA SER A 177 39.39 11.17 9.85
C SER A 177 38.23 12.10 10.19
N ASP A 178 38.32 12.82 11.30
CA ASP A 178 37.16 13.47 11.93
C ASP A 178 37.52 14.92 12.25
N LEU A 179 37.25 15.84 11.32
CA LEU A 179 38.07 17.04 11.15
C LEU A 179 37.39 18.35 11.54
N GLU A 180 38.27 19.34 11.78
CA GLU A 180 38.18 20.70 11.27
C GLU A 180 39.60 21.10 10.87
N ASP A 181 39.73 22.04 9.92
CA ASP A 181 41.06 22.34 9.39
C ASP A 181 41.20 23.84 9.10
N ILE A 182 42.19 24.46 9.73
CA ILE A 182 42.67 25.79 9.39
C ILE A 182 44.16 25.67 9.06
N GLU A 183 44.74 26.73 8.48
CA GLU A 183 46.15 26.75 8.10
C GLU A 183 46.84 27.91 8.79
N ILE A 184 48.04 27.66 9.35
CA ILE A 184 48.72 28.60 10.22
C ILE A 184 50.22 28.56 9.92
N GLU A 185 50.94 29.58 10.40
CA GLU A 185 52.39 29.53 10.48
C GLU A 185 52.81 29.19 11.91
N GLU A 186 54.02 28.64 12.02
CA GLU A 186 54.45 27.95 13.23
C GLU A 186 55.95 28.12 13.42
N VAL A 187 56.36 28.35 14.66
CA VAL A 187 57.77 28.23 15.04
C VAL A 187 58.02 26.77 15.37
N ASP A 188 58.76 26.10 14.49
CA ASP A 188 59.21 24.75 14.75
C ASP A 188 60.03 24.67 16.04
N MSE A 189 59.77 23.63 16.82
CA MSE A 189 60.42 23.44 18.11
C MSE A 189 61.92 23.26 17.93
O MSE A 189 62.70 23.56 18.83
CB MSE A 189 59.79 22.23 18.84
CG MSE A 189 60.25 22.04 20.28
SE MSE A 189 59.15 20.71 21.18
CE MSE A 189 57.58 21.81 21.56
N ASN A 190 62.31 22.78 16.75
CA ASN A 190 63.72 22.80 16.36
C ASN A 190 64.15 24.19 15.87
N GLY A 191 63.26 24.95 15.22
CA GLY A 191 63.57 26.34 14.94
C GLY A 191 63.07 26.98 13.66
N LYS A 192 62.68 26.19 12.66
CA LYS A 192 62.28 26.77 11.38
C LYS A 192 60.87 27.35 11.45
N ARG A 193 60.65 28.46 10.74
CA ARG A 193 59.29 28.94 10.52
C ARG A 193 58.69 28.14 9.38
N VAL A 194 57.60 27.43 9.65
CA VAL A 194 57.04 26.46 8.71
C VAL A 194 55.64 26.88 8.31
N ARG A 195 55.29 26.60 7.06
CA ARG A 195 53.96 26.86 6.53
C ARG A 195 53.15 25.57 6.69
N ALA A 196 52.58 25.38 7.87
CA ALA A 196 52.04 24.11 8.31
C ALA A 196 50.51 24.13 8.34
N TRP A 197 49.95 22.97 8.67
CA TRP A 197 48.50 22.79 8.77
C TRP A 197 48.11 22.57 10.22
N LYS A 198 47.10 23.30 10.68
CA LYS A 198 46.50 23.09 11.99
C LYS A 198 45.22 22.30 11.81
N ILE A 199 45.13 21.14 12.45
CA ILE A 199 44.00 20.24 12.27
C ILE A 199 43.31 20.05 13.61
N ARG A 200 42.04 20.40 13.66
CA ARG A 200 41.18 20.07 14.78
C ARG A 200 40.47 18.77 14.40
N HIS A 201 41.01 17.64 14.84
CA HIS A 201 40.47 16.34 14.47
C HIS A 201 40.05 15.58 15.72
N PHE A 202 38.98 14.78 15.60
CA PHE A 202 38.54 14.01 16.76
C PHE A 202 39.48 12.82 16.92
N HIS A 203 40.33 12.90 17.93
CA HIS A 203 41.37 11.93 18.19
C HIS A 203 40.82 10.86 19.14
N ILE A 204 41.72 10.08 19.76
CA ILE A 204 41.44 8.80 20.41
C ILE A 204 40.12 8.76 21.18
N ASP A 205 39.87 9.76 22.04
CA ASP A 205 38.61 9.84 22.76
C ASP A 205 38.01 11.25 22.80
N GLN A 206 38.74 12.26 22.32
CA GLN A 206 38.31 13.64 22.48
C GLN A 206 38.77 14.48 21.30
N SER A 207 38.01 15.52 21.00
CA SER A 207 38.39 16.49 19.98
C SER A 207 39.70 17.17 20.37
N VAL A 208 40.64 17.23 19.43
CA VAL A 208 42.01 17.64 19.71
C VAL A 208 42.51 18.53 18.57
N THR A 209 43.62 19.22 18.81
CA THR A 209 44.27 20.06 17.80
C THR A 209 45.72 19.64 17.65
N SER A 210 46.09 19.18 16.45
CA SER A 210 47.45 18.78 16.13
C SER A 210 47.95 19.58 14.94
N TYR A 211 49.27 19.73 14.86
CA TYR A 211 49.93 20.46 13.79
C TYR A 211 50.67 19.50 12.87
N LEU A 212 50.49 19.69 11.56
CA LEU A 212 51.01 18.80 10.54
C LEU A 212 51.64 19.62 9.43
N TYR A 213 52.86 19.27 9.04
CA TYR A 213 53.57 19.97 7.95
C TYR A 213 54.10 18.95 6.97
N ILE A 214 53.68 19.06 5.71
CA ILE A 214 54.19 18.24 4.62
C ILE A 214 55.16 19.07 3.81
N PRO A 215 56.48 18.79 3.84
CA PRO A 215 57.44 19.68 3.16
C PRO A 215 57.22 19.81 1.66
N ASP A 216 57.02 18.70 0.95
CA ASP A 216 56.91 18.75 -0.50
C ASP A 216 55.58 19.39 -0.89
N LYS A 217 55.62 20.53 -1.58
CA LYS A 217 54.37 21.19 -1.95
C LYS A 217 53.52 20.31 -2.88
N GLN A 218 54.18 19.53 -3.75
CA GLN A 218 53.45 18.69 -4.68
C GLN A 218 52.65 17.62 -3.95
N THR A 219 53.30 16.88 -3.04
CA THR A 219 52.58 15.83 -2.33
C THR A 219 51.40 16.39 -1.53
N GLN A 220 51.49 17.66 -1.11
CA GLN A 220 50.32 18.29 -0.50
C GLN A 220 49.14 18.32 -1.47
N LEU A 221 49.40 18.72 -2.73
CA LEU A 221 48.35 18.68 -3.73
C LEU A 221 47.88 17.25 -3.96
N TYR A 222 48.80 16.29 -3.98
CA TYR A 222 48.43 14.90 -4.17
C TYR A 222 47.50 14.43 -3.04
N VAL A 223 47.86 14.76 -1.81
CA VAL A 223 47.05 14.37 -0.65
C VAL A 223 45.66 14.96 -0.75
N LEU A 224 45.57 16.25 -1.09
CA LEU A 224 44.27 16.89 -1.19
C LEU A 224 43.43 16.24 -2.29
N ARG A 225 44.02 16.03 -3.47
CA ARG A 225 43.27 15.41 -4.56
C ARG A 225 42.66 14.08 -4.13
N TYR A 226 43.46 13.22 -3.50
CA TYR A 226 42.92 11.91 -3.11
C TYR A 226 41.87 12.04 -2.03
N LEU A 227 42.08 12.89 -1.02
CA LEU A 227 41.05 13.02 -0.01
C LEU A 227 39.73 13.50 -0.62
N LEU A 228 39.79 14.39 -1.61
CA LEU A 228 38.57 14.80 -2.32
C LEU A 228 37.93 13.61 -3.03
N LYS A 229 38.72 12.91 -3.86
CA LYS A 229 38.16 11.92 -4.77
C LYS A 229 37.47 10.79 -4.01
N TYR A 230 38.15 10.23 -3.03
CA TYR A 230 37.65 9.05 -2.34
C TYR A 230 36.97 9.37 -1.02
N ASN A 231 36.64 10.65 -0.79
CA ASN A 231 35.89 11.03 0.39
C ASN A 231 35.30 12.43 0.16
N PRO A 232 34.33 12.56 -0.74
CA PRO A 232 33.84 13.90 -1.12
C PRO A 232 33.18 14.68 0.01
N ALA A 233 32.92 14.05 1.16
CA ALA A 233 32.37 14.77 2.30
C ALA A 233 33.31 15.86 2.78
N ILE A 234 34.62 15.67 2.60
CA ILE A 234 35.62 16.58 3.15
C ILE A 234 35.71 17.89 2.39
N MSE A 235 35.07 17.98 1.23
CA MSE A 235 35.17 19.15 0.34
C MSE A 235 35.00 20.48 1.07
O MSE A 235 35.47 21.51 0.60
CB MSE A 235 34.13 19.00 -0.77
CG MSE A 235 34.23 20.04 -1.88
SE MSE A 235 33.01 19.67 -3.37
CE MSE A 235 34.02 18.23 -4.24
N GLU A 236 34.33 20.44 2.22
CA GLU A 236 34.17 21.63 3.06
C GLU A 236 35.47 22.02 3.75
N PHE A 237 36.01 21.14 4.61
CA PHE A 237 37.10 21.54 5.52
C PHE A 237 38.31 22.00 4.73
N ILE A 238 38.70 21.22 3.71
CA ILE A 238 39.93 21.48 2.99
C ILE A 238 39.80 22.68 2.06
N MSE A 239 38.57 23.08 1.72
CA MSE A 239 38.39 24.23 0.86
C MSE A 239 38.79 25.48 1.63
O MSE A 239 39.13 26.51 1.05
CB MSE A 239 36.93 24.34 0.37
CG MSE A 239 36.71 25.47 -0.63
SE MSE A 239 35.00 25.42 -1.55
CE MSE A 239 35.16 27.08 -2.55
N LYS A 240 38.79 25.37 2.96
CA LYS A 240 39.32 26.44 3.79
C LYS A 240 40.83 26.53 3.66
N VAL A 241 41.51 25.39 3.58
CA VAL A 241 42.97 25.35 3.44
C VAL A 241 43.38 25.17 1.99
N SER A 242 42.47 25.44 1.04
CA SER A 242 42.70 25.17 -0.37
C SER A 242 43.31 26.34 -1.13
N ASP A 243 43.57 27.47 -0.46
CA ASP A 243 43.99 28.67 -1.19
C ASP A 243 45.39 28.52 -1.77
N ASP A 244 46.29 27.80 -1.10
CA ASP A 244 47.66 27.66 -1.59
C ASP A 244 47.74 26.99 -2.95
N PHE A 245 46.63 26.47 -3.47
CA PHE A 245 46.66 25.62 -4.66
C PHE A 245 45.80 26.24 -5.75
N PRO A 246 46.40 26.95 -6.70
CA PRO A 246 45.60 27.61 -7.75
C PRO A 246 44.70 26.66 -8.52
N THR A 247 45.18 25.46 -8.83
CA THR A 247 44.37 24.51 -9.58
C THR A 247 43.10 24.14 -8.84
N LEU A 248 43.09 24.25 -7.51
CA LEU A 248 41.91 23.92 -6.73
C LEU A 248 40.97 25.11 -6.56
N LYS A 249 41.52 26.30 -6.22
CA LYS A 249 40.69 27.50 -6.17
C LYS A 249 39.90 27.67 -7.47
N SER A 250 40.53 27.38 -8.61
CA SER A 250 39.82 27.42 -9.89
C SER A 250 38.70 26.39 -9.93
N GLU A 251 39.03 25.11 -9.71
CA GLU A 251 38.01 24.07 -9.86
C GLU A 251 36.88 24.26 -8.87
N PHE A 252 37.20 24.60 -7.62
CA PHE A 252 36.15 24.85 -6.64
C PHE A 252 35.26 26.02 -7.07
N GLN A 253 35.87 27.07 -7.63
CA GLN A 253 35.08 28.18 -8.14
C GLN A 253 34.18 27.72 -9.28
N GLU A 254 34.73 26.92 -10.19
CA GLU A 254 33.96 26.44 -11.35
C GLU A 254 32.78 25.56 -10.93
N ILE A 255 33.00 24.64 -9.99
CA ILE A 255 31.91 23.75 -9.59
C ILE A 255 30.84 24.53 -8.84
N MSE A 256 31.24 25.55 -8.07
CA MSE A 256 30.30 26.37 -7.33
C MSE A 256 29.33 27.05 -8.30
O MSE A 256 28.13 27.05 -8.07
CB MSE A 256 31.04 27.43 -6.51
CG MSE A 256 30.13 28.32 -5.67
SE MSE A 256 31.11 29.60 -4.55
CE MSE A 256 31.76 28.36 -3.19
N GLU A 257 29.89 27.58 -9.39
CA GLU A 257 29.06 28.28 -10.36
C GLU A 257 28.11 27.32 -11.08
N LYS A 258 28.60 26.12 -11.43
CA LYS A 258 27.71 25.14 -12.04
C LYS A 258 26.61 24.72 -11.06
N GLU A 259 26.98 24.51 -9.79
CA GLU A 259 25.97 24.14 -8.80
C GLU A 259 24.91 25.23 -8.67
N ILE A 260 25.33 26.50 -8.70
CA ILE A 260 24.36 27.60 -8.65
C ILE A 260 23.38 27.48 -9.81
N LYS A 261 23.89 27.33 -11.03
CA LYS A 261 23.02 27.26 -12.20
C LYS A 261 22.10 26.04 -12.14
N GLU A 262 22.64 24.90 -11.70
CA GLU A 262 21.80 23.71 -11.56
C GLU A 262 20.66 23.94 -10.57
N LEU A 263 20.95 24.57 -9.44
CA LEU A 263 19.93 24.84 -8.44
C LEU A 263 18.90 25.85 -8.95
N GLU A 264 19.35 26.86 -9.71
CA GLU A 264 18.41 27.77 -10.37
C GLU A 264 17.43 27.00 -11.23
N ALA A 265 17.93 26.08 -12.05
CA ALA A 265 17.13 25.39 -13.04
C ALA A 265 16.12 24.43 -12.42
N LEU A 266 16.27 24.08 -11.15
CA LEU A 266 15.37 23.12 -10.53
C LEU A 266 13.95 23.67 -10.45
N ASP A 267 13.00 22.75 -10.48
CA ASP A 267 11.59 23.09 -10.39
C ASP A 267 11.30 23.79 -9.07
N GLU A 268 10.66 24.97 -9.15
CA GLU A 268 10.40 25.75 -7.94
C GLU A 268 9.52 25.00 -6.96
N MSE A 269 8.55 24.24 -7.46
CA MSE A 269 7.70 23.44 -6.59
C MSE A 269 8.52 22.39 -5.84
O MSE A 269 8.32 22.19 -4.64
CB MSE A 269 6.59 22.75 -7.40
CG MSE A 269 5.68 21.87 -6.57
SE MSE A 269 4.58 22.88 -5.34
CE MSE A 269 3.70 21.43 -4.40
N GLU A 270 9.42 21.71 -6.55
CA GLU A 270 10.19 20.65 -5.91
C GLU A 270 11.20 21.21 -4.91
N LYS A 271 11.80 22.36 -5.22
CA LYS A 271 12.65 23.03 -4.22
C LYS A 271 11.84 23.39 -2.98
N GLN A 272 10.59 23.81 -3.17
CA GLN A 272 9.72 24.13 -2.03
C GLN A 272 9.46 22.90 -1.18
N ILE A 273 9.26 21.74 -1.80
CA ILE A 273 9.00 20.52 -1.05
C ILE A 273 10.19 20.20 -0.15
N LEU A 274 11.40 20.29 -0.71
CA LEU A 274 12.60 19.90 0.03
C LEU A 274 12.78 20.76 1.27
N VAL A 275 12.63 22.08 1.12
CA VAL A 275 12.86 22.97 2.26
C VAL A 275 11.81 22.77 3.33
N ALA A 276 10.56 22.56 2.93
CA ALA A 276 9.49 22.39 3.91
C ALA A 276 9.62 21.06 4.65
N LEU A 277 9.92 19.99 3.93
CA LEU A 277 10.16 18.71 4.58
C LEU A 277 11.40 18.75 5.45
N TYR A 278 12.44 19.47 5.00
CA TYR A 278 13.65 19.62 5.80
C TYR A 278 13.37 20.41 7.08
N SER A 279 12.54 21.45 6.99
CA SER A 279 12.26 22.26 8.16
C SER A 279 11.39 21.50 9.17
N GLY A 280 10.53 20.60 8.70
CA GLY A 280 9.81 19.74 9.62
C GLY A 280 8.31 19.66 9.45
N ILE A 281 7.77 20.17 8.34
CA ILE A 281 6.33 20.08 8.10
C ILE A 281 5.93 18.64 7.87
N ASN A 282 4.80 18.25 8.46
CA ASN A 282 4.22 16.93 8.26
C ASN A 282 3.96 16.67 6.79
N PRO A 283 4.51 15.60 6.20
CA PRO A 283 4.25 15.33 4.78
C PRO A 283 2.78 15.14 4.46
N LEU A 284 2.01 14.55 5.37
CA LEU A 284 0.58 14.37 5.16
C LEU A 284 -0.16 15.69 5.12
N GLU A 285 0.41 16.76 5.69
CA GLU A 285 -0.19 18.07 5.71
C GLU A 285 0.49 19.06 4.77
N LEU A 286 1.58 18.66 4.11
CA LEU A 286 2.38 19.61 3.34
C LEU A 286 1.60 20.22 2.20
N HIS A 287 0.76 19.42 1.52
CA HIS A 287 -0.03 19.95 0.42
C HIS A 287 -0.89 21.12 0.88
N GLN A 288 -1.33 21.10 2.14
CA GLN A 288 -2.15 22.18 2.66
C GLN A 288 -1.37 23.50 2.72
N PHE A 289 -0.08 23.44 3.09
CA PHE A 289 0.64 24.70 3.22
C PHE A 289 1.01 25.27 1.85
N LEU A 290 1.36 24.41 0.90
CA LEU A 290 1.81 24.89 -0.40
C LEU A 290 0.67 25.15 -1.37
N GLY A 291 -0.58 24.98 -0.95
CA GLY A 291 -1.70 25.32 -1.79
C GLY A 291 -1.85 24.40 -2.99
N VAL A 292 -2.10 23.12 -2.73
CA VAL A 292 -2.15 22.10 -3.78
C VAL A 292 -2.97 20.93 -3.25
N SER A 293 -3.55 20.17 -4.16
CA SER A 293 -4.45 19.09 -3.77
C SER A 293 -3.69 17.89 -3.23
N GLU A 294 -4.43 17.01 -2.56
CA GLU A 294 -3.88 15.70 -2.19
C GLU A 294 -3.44 14.91 -3.41
N LYS A 295 -4.28 14.88 -4.43
CA LYS A 295 -3.94 14.14 -5.65
C LYS A 295 -2.66 14.66 -6.28
N GLU A 296 -2.54 15.99 -6.40
CA GLU A 296 -1.39 16.55 -7.10
C GLU A 296 -0.11 16.39 -6.29
N ILE A 297 -0.19 16.54 -4.97
CA ILE A 297 1.01 16.42 -4.14
C ILE A 297 1.56 15.01 -4.20
N GLU A 298 0.68 14.00 -4.14
CA GLU A 298 1.14 12.62 -4.17
C GLU A 298 1.74 12.29 -5.53
N GLU A 299 1.25 12.91 -6.60
CA GLU A 299 1.85 12.76 -7.91
C GLU A 299 3.23 13.39 -7.96
N ILE A 300 3.41 14.54 -7.31
CA ILE A 300 4.73 15.17 -7.25
C ILE A 300 5.67 14.34 -6.37
N TYR A 301 5.14 13.79 -5.27
CA TYR A 301 5.93 12.85 -4.48
C TYR A 301 6.38 11.65 -5.33
N ASP A 302 5.56 11.23 -6.29
CA ASP A 302 5.96 10.15 -7.20
C ASP A 302 7.06 10.59 -8.16
N ARG A 303 7.01 11.83 -8.65
CA ARG A 303 8.05 12.31 -9.54
C ARG A 303 9.39 12.47 -8.82
N MSE A 304 9.36 13.01 -7.60
CA MSE A 304 10.46 12.87 -6.67
C MSE A 304 10.45 11.38 -6.31
O MSE A 304 9.50 10.71 -6.68
CB MSE A 304 10.27 13.81 -5.47
CG MSE A 304 10.09 15.27 -5.92
SE MSE A 304 9.69 16.64 -4.57
CE MSE A 304 7.89 16.14 -4.15
N ILE A 305 11.47 10.86 -5.63
CA ILE A 305 11.63 9.42 -5.39
C ILE A 305 12.19 8.73 -6.64
N ASP A 306 11.50 8.88 -7.78
CA ASP A 306 12.14 8.53 -9.06
C ASP A 306 13.45 9.29 -9.23
N LYS A 307 13.43 10.59 -8.95
CA LYS A 307 14.65 11.37 -9.02
C LYS A 307 15.62 11.05 -7.89
N GLY A 308 15.20 10.25 -6.91
CA GLY A 308 16.06 9.92 -5.80
C GLY A 308 16.10 10.96 -4.71
N LEU A 309 15.16 11.89 -4.71
CA LEU A 309 15.16 12.99 -3.76
C LEU A 309 14.36 12.67 -2.50
N LEU A 310 13.38 11.78 -2.60
CA LEU A 310 12.55 11.41 -1.47
C LEU A 310 12.54 9.89 -1.32
N LYS A 311 12.14 9.45 -0.14
CA LYS A 311 12.01 8.05 0.18
C LYS A 311 10.74 7.86 1.00
N ILE A 312 10.11 6.70 0.86
CA ILE A 312 8.87 6.42 1.58
C ILE A 312 9.22 5.80 2.92
N VAL A 313 8.78 6.45 4.00
CA VAL A 313 8.88 5.85 5.31
C VAL A 313 7.66 5.00 5.63
N MSE A 314 6.49 5.38 5.13
CA MSE A 314 5.25 4.66 5.41
C MSE A 314 4.08 5.12 4.54
O MSE A 314 3.94 6.29 4.23
CB MSE A 314 4.91 4.82 6.90
CG MSE A 314 3.48 4.53 7.28
SE MSE A 314 3.36 4.38 9.22
CE MSE A 314 4.11 6.10 9.69
N ILE A 315 3.26 4.15 4.14
CA ILE A 315 2.05 4.42 3.35
C ILE A 315 0.85 4.44 4.30
N ARG A 316 0.21 5.60 4.39
CA ARG A 316 -1.10 5.71 5.02
C ARG A 316 -2.16 5.57 3.94
N LYS A 317 -3.34 5.11 4.32
CA LYS A 317 -4.38 4.90 3.32
C LYS A 317 -5.69 5.49 3.80
N ILE A 318 -6.29 6.35 2.96
CA ILE A 318 -7.60 6.91 3.21
C ILE A 318 -8.63 5.84 2.85
N VAL A 319 -9.44 5.43 3.83
CA VAL A 319 -10.38 4.34 3.65
C VAL A 319 -11.78 4.83 3.99
N ASP A 320 -12.77 4.04 3.58
CA ASP A 320 -14.17 4.38 3.79
C ASP A 320 -14.95 3.09 3.88
N LEU A 321 -16.14 3.16 4.46
CA LEU A 321 -16.93 1.97 4.68
C LEU A 321 -17.49 1.43 3.36
N THR A 322 -17.46 0.10 3.22
CA THR A 322 -18.21 -0.53 2.16
C THR A 322 -19.67 -0.65 2.57
N ASN A 323 -20.50 -1.12 1.64
CA ASN A 323 -21.90 -1.36 1.99
C ASN A 323 -22.03 -2.41 3.07
N GLU A 324 -21.13 -3.38 3.10
CA GLU A 324 -21.13 -4.34 4.21
C GLU A 324 -20.66 -3.70 5.50
N GLY A 325 -19.73 -2.75 5.40
CA GLY A 325 -19.34 -2.00 6.60
C GLY A 325 -20.49 -1.20 7.17
N ARG A 326 -21.30 -0.58 6.30
CA ARG A 326 -22.46 0.16 6.78
C ARG A 326 -23.51 -0.78 7.37
N LYS A 327 -23.72 -1.94 6.73
CA LYS A 327 -24.68 -2.91 7.25
C LYS A 327 -24.41 -3.21 8.72
N ILE A 328 -23.14 -3.37 9.08
CA ILE A 328 -22.78 -3.65 10.46
C ILE A 328 -23.19 -2.49 11.37
N VAL A 329 -22.80 -1.27 10.97
CA VAL A 329 -23.02 -0.10 11.82
C VAL A 329 -24.51 0.15 12.01
N ASN A 330 -25.29 0.02 10.94
CA ASN A 330 -26.73 0.21 11.07
C ASN A 330 -27.38 -0.90 11.90
N LYS A 331 -26.83 -2.12 11.87
CA LYS A 331 -27.31 -3.15 12.78
C LYS A 331 -27.01 -2.81 14.23
N LEU A 332 -25.81 -2.28 14.50
CA LEU A 332 -25.46 -1.94 15.87
C LEU A 332 -26.41 -0.90 16.44
N LEU A 333 -26.75 0.11 15.65
CA LEU A 333 -27.70 1.13 16.08
C LEU A 333 -29.08 0.53 16.32
N LYS A 334 -29.53 -0.32 15.40
CA LYS A 334 -30.90 -0.86 15.48
C LYS A 334 -31.14 -1.65 16.75
N TYR A 335 -30.11 -2.30 17.29
CA TYR A 335 -30.26 -3.10 18.50
C TYR A 335 -29.86 -2.34 19.76
N GLY A 336 -29.64 -1.04 19.67
CA GLY A 336 -29.26 -0.26 20.84
C GLY A 336 -27.87 -0.54 21.35
N LEU A 337 -26.96 -0.96 20.47
CA LEU A 337 -25.58 -1.30 20.83
C LEU A 337 -24.64 -0.09 20.83
N VAL A 338 -25.03 1.02 20.22
CA VAL A 338 -24.20 2.22 20.16
C VAL A 338 -25.09 3.43 20.41
N SER A 339 -24.51 4.50 20.94
CA SER A 339 -25.31 5.61 21.46
C SER A 339 -25.85 6.52 20.35
N MSE A 340 -24.95 7.21 19.63
CA MSE A 340 -25.30 8.31 18.72
C MSE A 340 -26.67 8.94 18.93
O MSE A 340 -26.79 10.12 19.28
CB MSE A 340 -25.19 7.84 17.26
CG MSE A 340 -23.75 7.75 16.75
SE MSE A 340 -23.58 7.07 14.92
CE MSE A 340 -24.41 8.56 13.97
N PRO B 1 -47.98 -35.81 -12.08
CA PRO B 1 -47.46 -34.78 -11.18
C PRO B 1 -47.26 -33.44 -11.87
N ILE B 2 -47.37 -32.35 -11.11
CA ILE B 2 -46.99 -31.04 -11.64
C ILE B 2 -45.48 -30.95 -11.82
N PHE B 3 -44.73 -31.45 -10.85
CA PHE B 3 -43.28 -31.46 -10.97
C PHE B 3 -42.72 -32.44 -9.95
N GLU B 4 -41.61 -33.08 -10.31
CA GLU B 4 -40.95 -34.05 -9.46
C GLU B 4 -39.51 -33.61 -9.20
N ALA B 5 -38.93 -34.14 -8.13
CA ALA B 5 -37.50 -33.97 -7.87
C ALA B 5 -36.96 -35.21 -7.19
N ARG B 6 -35.90 -35.79 -7.75
CA ARG B 6 -35.14 -36.77 -7.00
C ARG B 6 -34.18 -36.01 -6.10
N VAL B 7 -34.30 -36.23 -4.80
CA VAL B 7 -33.57 -35.47 -3.80
C VAL B 7 -33.10 -36.42 -2.71
N LYS B 8 -32.33 -35.87 -1.77
CA LYS B 8 -32.02 -36.53 -0.52
C LYS B 8 -32.92 -35.88 0.53
N VAL B 9 -33.86 -36.66 1.07
CA VAL B 9 -34.93 -36.13 1.92
C VAL B 9 -34.72 -36.63 3.34
N GLY B 10 -34.82 -35.71 4.31
CA GLY B 10 -34.77 -36.07 5.71
C GLY B 10 -36.00 -35.62 6.46
N ILE B 11 -36.56 -36.51 7.28
CA ILE B 11 -37.81 -36.25 8.00
C ILE B 11 -37.52 -36.24 9.48
N SER B 12 -38.06 -35.25 10.18
CA SER B 12 -38.00 -35.15 11.63
C SER B 12 -39.41 -35.16 12.18
N SER B 13 -39.60 -35.83 13.31
CA SER B 13 -40.92 -35.96 13.93
C SER B 13 -40.89 -35.39 15.34
N SER B 14 -41.95 -34.66 15.69
CA SER B 14 -42.14 -34.24 17.08
C SER B 14 -42.40 -35.44 17.99
N TRP B 15 -42.79 -36.58 17.41
CA TRP B 15 -43.03 -37.79 18.17
C TRP B 15 -41.73 -38.49 18.55
N VAL B 16 -40.73 -38.46 17.67
CA VAL B 16 -39.44 -39.04 17.99
C VAL B 16 -38.67 -38.03 18.85
N THR B 17 -38.30 -38.46 20.06
CA THR B 17 -37.64 -37.55 20.99
C THR B 17 -36.22 -37.24 20.56
N SER B 18 -35.52 -38.23 20.00
CA SER B 18 -34.15 -38.01 19.55
C SER B 18 -34.11 -36.98 18.42
N ARG B 19 -33.14 -36.07 18.52
CA ARG B 19 -33.00 -34.98 17.55
C ARG B 19 -32.50 -35.44 16.18
N LYS B 20 -32.30 -36.74 15.99
CA LYS B 20 -31.67 -37.24 14.78
C LYS B 20 -32.57 -37.11 13.56
N VAL B 21 -31.94 -36.87 12.41
CA VAL B 21 -32.59 -36.97 11.11
C VAL B 21 -31.73 -37.86 10.23
N SER B 22 -32.34 -38.90 9.67
CA SER B 22 -31.67 -39.79 8.73
C SER B 22 -32.09 -39.43 7.32
N TRP B 23 -31.12 -39.29 6.43
CA TRP B 23 -31.37 -38.79 5.08
C TRP B 23 -31.61 -39.97 4.15
N ARG B 24 -32.87 -40.33 3.96
CA ARG B 24 -33.20 -41.30 2.93
C ARG B 24 -33.14 -40.66 1.55
N ASP B 25 -33.37 -41.48 0.53
CA ASP B 25 -33.19 -41.08 -0.85
C ASP B 25 -34.46 -41.46 -1.58
N ALA B 26 -34.97 -40.56 -2.42
CA ALA B 26 -36.33 -40.71 -2.91
C ALA B 26 -36.57 -39.83 -4.13
N ILE B 27 -37.71 -40.04 -4.77
CA ILE B 27 -38.30 -39.07 -5.67
C ILE B 27 -39.51 -38.48 -4.94
N ALA B 28 -39.78 -37.20 -5.18
CA ALA B 28 -40.86 -36.47 -4.51
C ALA B 28 -41.68 -35.73 -5.56
N GLN B 29 -43.00 -35.88 -5.48
CA GLN B 29 -43.92 -35.41 -6.50
C GLN B 29 -44.76 -34.25 -5.98
N ILE B 30 -44.93 -33.22 -6.81
CA ILE B 30 -45.88 -32.15 -6.53
C ILE B 30 -47.22 -32.53 -7.14
N GLU B 31 -48.25 -32.66 -6.30
CA GLU B 31 -49.59 -32.95 -6.76
C GLU B 31 -50.48 -31.72 -6.59
N SER B 32 -51.69 -31.83 -7.15
CA SER B 32 -52.67 -30.76 -6.97
C SER B 32 -52.95 -30.49 -5.51
N ASP B 33 -53.03 -31.54 -4.70
CA ASP B 33 -53.43 -31.43 -3.31
C ASP B 33 -52.37 -31.89 -2.31
N ARG B 34 -51.19 -32.28 -2.77
CA ARG B 34 -50.28 -32.98 -1.87
C ARG B 34 -48.90 -33.07 -2.50
N ILE B 35 -47.92 -33.46 -1.68
CA ILE B 35 -46.59 -33.85 -2.13
C ILE B 35 -46.35 -35.28 -1.69
N VAL B 36 -46.03 -36.15 -2.65
CA VAL B 36 -45.87 -37.58 -2.42
C VAL B 36 -44.39 -37.91 -2.55
N VAL B 37 -43.87 -38.67 -1.59
CA VAL B 37 -42.47 -39.09 -1.63
C VAL B 37 -42.42 -40.60 -1.81
N LYS B 38 -42.00 -41.02 -2.99
CA LYS B 38 -41.73 -42.42 -3.28
C LYS B 38 -40.25 -42.67 -2.97
N TYR B 39 -39.98 -43.35 -1.85
CA TYR B 39 -38.62 -43.58 -1.43
C TYR B 39 -37.95 -44.58 -2.35
N LEU B 40 -36.62 -44.49 -2.46
CA LEU B 40 -35.91 -45.15 -3.55
C LEU B 40 -34.65 -45.81 -3.02
N LYS B 41 -34.59 -47.15 -3.09
CA LYS B 41 -33.37 -47.89 -2.80
C LYS B 41 -32.95 -48.63 -4.06
N MSE B 42 -31.66 -48.54 -4.41
CA MSE B 42 -31.14 -49.14 -5.63
C MSE B 42 -32.02 -48.75 -6.81
O MSE B 42 -32.33 -49.57 -7.67
CB MSE B 42 -31.06 -50.66 -5.48
CG MSE B 42 -29.94 -51.14 -4.54
SE MSE B 42 -28.13 -51.00 -5.29
CE MSE B 42 -28.19 -52.52 -6.51
N GLY B 43 -32.46 -47.49 -6.82
CA GLY B 43 -33.35 -46.98 -7.83
C GLY B 43 -34.75 -47.58 -7.81
N GLU B 44 -35.19 -48.15 -6.68
CA GLU B 44 -36.44 -48.88 -6.66
C GLU B 44 -37.30 -48.42 -5.48
N VAL B 45 -38.62 -48.45 -5.69
CA VAL B 45 -39.58 -47.75 -4.81
C VAL B 45 -40.02 -48.70 -3.69
N VAL B 46 -39.39 -48.55 -2.52
CA VAL B 46 -39.75 -49.37 -1.37
C VAL B 46 -40.81 -48.76 -0.46
N GLY B 47 -40.99 -47.44 -0.48
CA GLY B 47 -41.96 -46.82 0.40
C GLY B 47 -42.59 -45.61 -0.25
N GLU B 48 -43.65 -45.12 0.39
CA GLU B 48 -44.38 -43.95 -0.10
C GLU B 48 -45.11 -43.26 1.03
N ASP B 49 -44.75 -42.02 1.32
CA ASP B 49 -45.54 -41.12 2.16
C ASP B 49 -46.26 -40.11 1.29
N SER B 50 -47.52 -39.87 1.61
CA SER B 50 -48.34 -38.88 0.92
C SER B 50 -48.61 -37.74 1.91
N PHE B 51 -48.21 -36.53 1.51
CA PHE B 51 -48.31 -35.37 2.40
C PHE B 51 -49.34 -34.40 1.84
N PRO B 52 -50.55 -34.32 2.39
CA PRO B 52 -51.55 -33.40 1.85
C PRO B 52 -51.13 -31.94 2.00
N PHE B 53 -51.52 -31.14 1.00
CA PHE B 53 -51.40 -29.69 1.15
C PHE B 53 -52.34 -29.16 2.23
N SER B 54 -53.47 -29.82 2.45
CA SER B 54 -54.18 -29.63 3.71
C SER B 54 -53.32 -30.20 4.82
N ALA B 55 -53.36 -29.54 5.98
CA ALA B 55 -52.46 -29.86 7.09
C ALA B 55 -51.00 -29.65 6.70
N LEU B 56 -50.74 -28.73 5.78
CA LEU B 56 -49.40 -28.19 5.56
C LEU B 56 -49.32 -26.96 6.45
N ILE B 57 -48.70 -27.14 7.63
CA ILE B 57 -48.67 -26.05 8.61
C ILE B 57 -47.89 -24.87 8.05
N ASP B 58 -46.71 -25.14 7.51
CA ASP B 58 -45.76 -24.08 7.22
C ASP B 58 -44.71 -24.63 6.26
N LEU B 59 -44.01 -23.73 5.59
CA LEU B 59 -42.96 -24.10 4.65
C LEU B 59 -41.93 -22.99 4.64
N GLY B 60 -40.74 -23.34 4.19
CA GLY B 60 -39.62 -22.41 4.27
C GLY B 60 -39.17 -22.18 5.71
N VAL B 61 -39.46 -23.13 6.61
CA VAL B 61 -39.07 -22.96 8.00
C VAL B 61 -37.55 -22.84 8.07
N ARG B 62 -37.06 -22.18 9.12
CA ARG B 62 -35.62 -22.08 9.30
C ARG B 62 -35.11 -23.40 9.87
N ILE B 63 -34.09 -23.95 9.23
CA ILE B 63 -33.55 -25.27 9.59
C ILE B 63 -32.39 -25.07 10.56
N PRO B 64 -32.41 -25.71 11.73
CA PRO B 64 -31.23 -25.68 12.60
C PRO B 64 -30.02 -26.28 11.89
N ASP B 65 -28.86 -25.67 12.16
CA ASP B 65 -27.61 -26.19 11.60
C ASP B 65 -27.35 -27.62 12.05
N GLU B 66 -27.92 -28.01 13.20
CA GLU B 66 -27.82 -29.39 13.65
C GLU B 66 -28.44 -30.36 12.64
N LEU B 67 -29.40 -29.90 11.84
CA LEU B 67 -30.17 -30.77 10.97
C LEU B 67 -29.75 -30.68 9.51
N LYS B 68 -28.69 -29.95 9.18
CA LYS B 68 -28.31 -29.74 7.79
C LYS B 68 -27.36 -30.85 7.34
N LEU B 69 -27.74 -31.58 6.29
CA LEU B 69 -26.91 -32.61 5.71
C LEU B 69 -25.60 -32.05 5.14
N ASN B 70 -25.71 -31.28 4.07
CA ASN B 70 -24.56 -30.72 3.37
C ASN B 70 -24.67 -29.22 3.42
N PRO B 71 -23.91 -28.56 4.31
CA PRO B 71 -24.13 -27.11 4.53
C PRO B 71 -23.99 -26.26 3.28
N GLU B 72 -23.37 -26.77 2.21
CA GLU B 72 -23.34 -26.00 0.97
C GLU B 72 -24.72 -25.98 0.31
N LYS B 73 -25.37 -27.13 0.23
CA LYS B 73 -26.65 -27.22 -0.47
C LYS B 73 -27.76 -26.55 0.31
N ASP B 74 -28.77 -26.08 -0.42
CA ASP B 74 -29.94 -25.47 0.19
C ASP B 74 -30.72 -26.52 0.98
N HIS B 75 -31.40 -26.06 2.02
CA HIS B 75 -32.30 -26.91 2.79
C HIS B 75 -33.65 -26.22 2.85
N PHE B 76 -34.66 -26.85 2.26
CA PHE B 76 -36.02 -26.34 2.29
C PHE B 76 -36.85 -27.25 3.17
N GLY B 77 -37.44 -26.70 4.21
CA GLY B 77 -38.21 -27.48 5.17
C GLY B 77 -39.69 -27.19 5.03
N ILE B 78 -40.47 -28.25 4.95
CA ILE B 78 -41.92 -28.16 4.88
C ILE B 78 -42.48 -28.95 6.06
N LYS B 79 -43.35 -28.31 6.82
CA LYS B 79 -43.85 -28.84 8.09
C LYS B 79 -45.30 -29.25 7.91
N PHE B 80 -45.64 -30.50 8.22
CA PHE B 80 -47.04 -30.91 8.19
C PHE B 80 -47.42 -31.48 9.54
N TYR B 81 -48.71 -31.36 9.87
CA TYR B 81 -49.30 -32.05 11.01
C TYR B 81 -50.23 -33.13 10.47
N ILE B 82 -49.83 -34.38 10.62
CA ILE B 82 -50.65 -35.51 10.18
C ILE B 82 -51.30 -36.13 11.41
N PRO B 83 -52.64 -36.10 11.51
CA PRO B 83 -53.30 -36.28 12.82
C PRO B 83 -53.02 -37.61 13.49
N GLY B 84 -52.87 -38.69 12.72
CA GLY B 84 -52.55 -39.96 13.34
C GLY B 84 -51.20 -39.99 14.01
N ARG B 85 -50.28 -39.16 13.53
CA ARG B 85 -48.87 -39.34 13.85
C ARG B 85 -48.22 -38.16 14.55
N GLY B 86 -48.49 -36.93 14.12
CA GLY B 86 -47.92 -35.78 14.79
C GLY B 86 -47.46 -34.68 13.86
N GLU B 87 -46.43 -33.94 14.27
CA GLU B 87 -45.91 -32.83 13.48
C GLU B 87 -44.65 -33.29 12.77
N LEU B 88 -44.65 -33.23 11.44
CA LEU B 88 -43.51 -33.66 10.64
C LEU B 88 -42.79 -32.46 10.05
N LEU B 89 -41.47 -32.51 10.09
CA LEU B 89 -40.63 -31.60 9.33
C LEU B 89 -39.95 -32.38 8.22
N VAL B 90 -40.42 -32.20 7.00
CA VAL B 90 -39.81 -32.84 5.84
C VAL B 90 -38.81 -31.84 5.24
N ILE B 91 -37.54 -32.21 5.21
CA ILE B 91 -36.46 -31.33 4.78
C ILE B 91 -35.97 -31.83 3.43
N PHE B 92 -35.91 -30.92 2.46
CA PHE B 92 -35.51 -31.25 1.10
C PHE B 92 -34.13 -30.68 0.82
N THR B 93 -33.21 -31.53 0.40
CA THR B 93 -31.90 -31.11 -0.06
C THR B 93 -31.41 -32.11 -1.10
N ILE B 94 -30.26 -31.81 -1.69
CA ILE B 94 -29.63 -32.65 -2.69
C ILE B 94 -28.17 -32.85 -2.31
N GLU B 95 -27.58 -33.91 -2.84
CA GLU B 95 -26.13 -34.04 -2.79
C GLU B 95 -25.44 -33.47 -4.02
N GLU B 96 -26.20 -33.10 -5.06
CA GLU B 96 -25.68 -32.44 -6.25
C GLU B 96 -24.41 -33.14 -6.75
N ASN B 97 -24.36 -34.45 -6.53
CA ASN B 97 -23.70 -35.34 -7.45
C ASN B 97 -24.18 -34.99 -8.85
N LEU B 98 -23.25 -34.64 -9.73
CA LEU B 98 -23.60 -33.91 -10.95
C LEU B 98 -24.49 -34.71 -11.90
N LEU B 99 -24.65 -36.02 -11.71
CA LEU B 99 -25.48 -36.83 -12.59
C LEU B 99 -26.74 -37.39 -11.94
N ILE B 100 -26.94 -37.21 -10.63
CA ILE B 100 -28.13 -37.70 -9.97
C ILE B 100 -29.05 -36.56 -9.51
N TYR B 101 -28.49 -35.40 -9.16
CA TYR B 101 -29.26 -34.23 -8.78
C TYR B 101 -28.77 -33.07 -9.65
N ASP B 102 -29.49 -31.95 -9.62
CA ASP B 102 -28.89 -30.72 -10.12
C ASP B 102 -29.42 -29.53 -9.33
N GLU B 103 -28.56 -28.53 -9.17
CA GLU B 103 -28.87 -27.40 -8.32
C GLU B 103 -30.07 -26.62 -8.85
N LYS B 104 -30.08 -26.31 -10.15
CA LYS B 104 -30.95 -25.27 -10.64
C LYS B 104 -32.41 -25.76 -10.72
N LYS B 105 -32.62 -27.03 -11.10
CA LYS B 105 -33.94 -27.66 -10.94
C LYS B 105 -34.35 -27.90 -9.49
N PHE B 106 -33.42 -27.78 -8.56
CA PHE B 106 -33.82 -27.79 -7.17
C PHE B 106 -34.36 -26.44 -6.73
N SER B 107 -33.63 -25.36 -7.04
CA SER B 107 -34.07 -24.03 -6.64
C SER B 107 -35.40 -23.67 -7.28
N GLU B 108 -35.72 -24.22 -8.45
CA GLU B 108 -37.04 -23.98 -9.00
C GLU B 108 -38.08 -24.88 -8.35
N PHE B 109 -37.69 -26.11 -7.95
CA PHE B 109 -38.63 -27.01 -7.31
C PHE B 109 -39.29 -26.37 -6.11
N VAL B 110 -38.49 -25.73 -5.25
CA VAL B 110 -39.05 -25.08 -4.07
C VAL B 110 -39.97 -23.94 -4.48
N HIS B 111 -39.58 -23.18 -5.51
CA HIS B 111 -40.37 -22.04 -5.94
C HIS B 111 -41.72 -22.51 -6.48
N LYS B 112 -41.73 -23.63 -7.23
CA LYS B 112 -42.97 -24.14 -7.78
C LYS B 112 -43.95 -24.57 -6.67
N VAL B 113 -43.42 -25.00 -5.52
CA VAL B 113 -44.30 -25.32 -4.40
C VAL B 113 -45.04 -24.07 -3.94
N PHE B 114 -44.33 -22.95 -3.82
CA PHE B 114 -44.99 -21.68 -3.52
C PHE B 114 -46.03 -21.33 -4.58
N GLU B 115 -45.67 -21.52 -5.85
CA GLU B 115 -46.58 -21.17 -6.93
C GLU B 115 -47.87 -21.98 -6.84
N VAL B 116 -47.74 -23.29 -6.61
CA VAL B 116 -48.92 -24.14 -6.50
C VAL B 116 -49.78 -23.73 -5.31
N LEU B 117 -49.14 -23.43 -4.17
CA LEU B 117 -49.90 -23.09 -2.97
C LEU B 117 -50.61 -21.75 -3.08
N ILE B 118 -50.03 -20.80 -3.81
CA ILE B 118 -50.48 -19.42 -3.76
C ILE B 118 -51.38 -19.05 -4.93
N ASN B 119 -51.01 -19.43 -6.15
CA ASN B 119 -51.74 -18.99 -7.33
C ASN B 119 -53.22 -19.33 -7.26
N GLY B 120 -54.06 -18.35 -7.57
CA GLY B 120 -55.48 -18.55 -7.65
C GLY B 120 -56.24 -18.38 -6.36
N LYS B 121 -55.56 -18.20 -5.23
CA LYS B 121 -56.27 -18.12 -3.97
C LYS B 121 -57.03 -16.81 -3.85
N THR B 122 -58.22 -16.87 -3.27
CA THR B 122 -59.09 -15.72 -3.19
C THR B 122 -58.47 -14.62 -2.33
N VAL B 123 -58.67 -13.36 -2.75
CA VAL B 123 -58.12 -12.22 -2.03
C VAL B 123 -59.00 -11.03 -2.34
N MSE B 124 -59.04 -10.07 -1.41
CA MSE B 124 -59.97 -8.97 -1.49
C MSE B 124 -59.24 -7.66 -1.19
O MSE B 124 -58.42 -7.59 -0.27
CB MSE B 124 -61.09 -9.27 -0.52
CG MSE B 124 -61.92 -10.42 -1.03
SE MSE B 124 -62.58 -11.62 0.34
CE MSE B 124 -63.67 -12.80 -0.77
N LEU B 125 -59.51 -6.64 -2.00
CA LEU B 125 -58.63 -5.49 -2.10
C LEU B 125 -59.43 -4.20 -2.07
N GLN B 126 -59.02 -3.28 -1.21
CA GLN B 126 -59.56 -1.92 -1.17
C GLN B 126 -58.38 -1.01 -1.47
N LEU B 127 -58.19 -0.70 -2.74
CA LEU B 127 -56.98 -0.03 -3.21
C LEU B 127 -57.07 1.48 -3.01
N ALA B 128 -56.03 2.06 -2.41
CA ALA B 128 -55.89 3.50 -2.25
C ALA B 128 -57.04 4.08 -1.43
N ARG B 129 -57.24 3.54 -0.24
CA ARG B 129 -58.25 4.07 0.66
C ARG B 129 -57.77 5.34 1.38
N ILE B 130 -56.46 5.57 1.42
CA ILE B 130 -55.87 6.77 2.02
C ILE B 130 -54.85 7.34 1.05
N ILE B 131 -54.98 8.63 0.74
CA ILE B 131 -54.02 9.37 -0.06
C ILE B 131 -53.65 10.62 0.70
N GLY B 132 -52.37 10.77 1.02
CA GLY B 132 -51.93 11.92 1.80
C GLY B 132 -52.56 12.02 3.16
N GLY B 133 -53.01 10.90 3.71
CA GLY B 133 -53.76 10.91 4.96
C GLY B 133 -55.21 11.30 4.82
N ALA B 134 -55.78 11.21 3.62
CA ALA B 134 -57.16 11.58 3.36
C ALA B 134 -57.91 10.41 2.77
N VAL B 135 -59.14 10.19 3.23
CA VAL B 135 -59.89 8.99 2.90
C VAL B 135 -60.47 9.08 1.50
N ASN B 136 -60.17 8.08 0.67
CA ASN B 136 -60.73 7.95 -0.67
C ASN B 136 -61.97 7.07 -0.59
N MSE B 137 -63.14 7.65 -0.89
CA MSE B 137 -64.37 6.87 -0.88
C MSE B 137 -64.87 6.63 -2.30
O MSE B 137 -66.05 6.39 -2.54
CB MSE B 137 -65.42 7.57 -0.01
CG MSE B 137 -65.09 7.46 1.46
SE MSE B 137 -66.29 8.36 2.68
CE MSE B 137 -65.40 7.90 4.36
N GLU B 138 -63.93 6.73 -3.24
CA GLU B 138 -64.05 6.10 -4.55
C GLU B 138 -63.33 4.76 -4.59
N SER B 139 -62.69 4.37 -3.49
CA SER B 139 -61.97 3.11 -3.36
C SER B 139 -62.92 2.08 -2.74
N LYS B 140 -63.27 1.06 -3.51
CA LYS B 140 -64.20 0.02 -3.08
C LYS B 140 -63.46 -1.27 -2.80
N TRP B 141 -64.19 -2.23 -2.23
CA TRP B 141 -63.68 -3.59 -2.11
C TRP B 141 -63.84 -4.32 -3.44
N GLU B 142 -62.73 -4.83 -3.97
CA GLU B 142 -62.73 -5.67 -5.15
C GLU B 142 -62.26 -7.06 -4.75
N GLU B 143 -62.95 -8.08 -5.23
CA GLU B 143 -62.51 -9.44 -5.00
C GLU B 143 -61.70 -9.94 -6.19
N GLY B 144 -60.68 -10.72 -5.90
CA GLY B 144 -59.82 -11.26 -6.94
C GLY B 144 -59.03 -12.44 -6.42
N TRP B 145 -57.88 -12.66 -7.05
CA TRP B 145 -57.04 -13.77 -6.65
C TRP B 145 -55.57 -13.40 -6.81
N LEU B 146 -54.71 -14.16 -6.12
CA LEU B 146 -53.28 -13.91 -6.05
C LEU B 146 -52.56 -14.58 -7.23
N ARG B 147 -51.41 -14.01 -7.59
CA ARG B 147 -50.59 -14.61 -8.63
C ARG B 147 -49.13 -14.32 -8.31
N VAL B 148 -48.27 -15.31 -8.52
CA VAL B 148 -46.83 -15.19 -8.25
C VAL B 148 -46.12 -14.81 -9.54
N ILE B 149 -45.61 -13.58 -9.62
CA ILE B 149 -44.85 -13.09 -10.76
C ILE B 149 -43.70 -12.22 -10.28
N LYS B 150 -42.87 -11.82 -11.23
CA LYS B 150 -41.81 -10.85 -10.99
C LYS B 150 -42.35 -9.46 -11.30
N VAL B 151 -42.33 -8.57 -10.31
CA VAL B 151 -42.81 -7.20 -10.47
C VAL B 151 -41.61 -6.29 -10.66
N LYS B 152 -41.52 -5.67 -11.83
CA LYS B 152 -40.40 -4.80 -12.15
C LYS B 152 -40.38 -3.57 -11.26
N SER B 153 -41.48 -2.84 -11.17
CA SER B 153 -41.43 -1.47 -10.70
C SER B 153 -41.22 -1.39 -9.20
N ALA B 154 -40.16 -0.67 -8.82
CA ALA B 154 -39.96 -0.19 -7.47
C ALA B 154 -39.39 1.22 -7.62
N ARG B 155 -39.05 1.85 -6.50
CA ARG B 155 -38.46 3.18 -6.61
C ARG B 155 -37.03 3.08 -7.17
N THR B 156 -36.35 1.98 -6.86
CA THR B 156 -35.09 1.66 -7.52
C THR B 156 -35.28 1.24 -9.00
N GLN B 157 -36.52 1.13 -9.48
CA GLN B 157 -36.93 0.50 -10.76
C GLN B 157 -36.29 -0.88 -10.97
N LYS B 158 -36.08 -1.68 -9.93
CA LYS B 158 -35.40 -2.95 -10.15
C LYS B 158 -36.33 -4.12 -9.90
N THR B 159 -36.28 -5.12 -10.79
CA THR B 159 -37.26 -6.19 -10.76
C THR B 159 -37.07 -7.02 -9.50
N GLU B 160 -38.18 -7.56 -9.00
CA GLU B 160 -38.14 -8.38 -7.79
C GLU B 160 -39.29 -9.36 -7.82
N ARG B 161 -39.03 -10.58 -7.33
CA ARG B 161 -40.07 -11.59 -7.23
C ARG B 161 -41.11 -11.15 -6.21
N SER B 162 -42.39 -11.27 -6.57
CA SER B 162 -43.45 -10.73 -5.72
C SER B 162 -44.75 -11.48 -6.00
N ILE B 163 -45.84 -10.99 -5.41
CA ILE B 163 -47.17 -11.54 -5.58
C ILE B 163 -48.12 -10.39 -5.88
N VAL B 164 -48.98 -10.57 -6.88
CA VAL B 164 -49.89 -9.53 -7.32
C VAL B 164 -51.33 -9.99 -7.12
N VAL B 165 -52.22 -9.00 -7.10
CA VAL B 165 -53.66 -9.25 -6.99
C VAL B 165 -54.29 -9.05 -8.37
N ILE B 166 -54.89 -10.11 -8.88
CA ILE B 166 -55.59 -10.05 -10.16
C ILE B 166 -57.06 -9.72 -9.89
N ILE B 167 -57.56 -8.69 -10.58
CA ILE B 167 -58.97 -8.33 -10.53
C ILE B 167 -59.49 -8.39 -11.96
N LYS B 168 -60.69 -8.93 -12.13
CA LYS B 168 -61.25 -9.03 -13.48
C LYS B 168 -61.33 -7.65 -14.13
N ASP B 169 -60.87 -7.57 -15.38
CA ASP B 169 -60.93 -6.37 -16.21
C ASP B 169 -60.05 -5.22 -15.71
N LYS B 170 -59.05 -5.49 -14.85
CA LYS B 170 -58.13 -4.48 -14.34
C LYS B 170 -56.71 -5.04 -14.37
N ARG B 171 -55.70 -4.15 -14.57
CA ARG B 171 -54.37 -4.78 -14.56
C ARG B 171 -54.07 -5.30 -13.16
N PRO B 172 -53.08 -6.17 -12.99
CA PRO B 172 -52.68 -6.58 -11.63
C PRO B 172 -52.15 -5.43 -10.78
N VAL B 173 -52.43 -5.51 -9.49
CA VAL B 173 -51.95 -4.58 -8.49
C VAL B 173 -50.73 -5.21 -7.82
N SER B 174 -49.60 -4.50 -7.87
CA SER B 174 -48.35 -4.98 -7.29
C SER B 174 -48.26 -4.53 -5.84
N ILE B 175 -49.12 -5.12 -5.02
CA ILE B 175 -49.36 -4.66 -3.66
C ILE B 175 -48.18 -4.87 -2.72
N PHE B 176 -47.14 -5.60 -3.14
CA PHE B 176 -46.02 -5.88 -2.23
C PHE B 176 -44.69 -5.32 -2.77
N SER B 177 -44.74 -4.24 -3.54
CA SER B 177 -43.53 -3.74 -4.18
C SER B 177 -42.72 -2.83 -3.26
N ASP B 178 -43.37 -1.83 -2.65
CA ASP B 178 -42.68 -0.76 -1.93
C ASP B 178 -43.58 -0.45 -0.74
N LEU B 179 -43.16 -0.76 0.48
CA LEU B 179 -44.19 -1.14 1.44
C LEU B 179 -43.89 -0.72 2.88
N GLU B 180 -44.99 -0.48 3.61
CA GLU B 180 -45.06 -0.57 5.07
C GLU B 180 -46.38 -1.24 5.41
N ASP B 181 -46.45 -1.91 6.57
CA ASP B 181 -47.57 -2.81 6.84
C ASP B 181 -47.96 -2.79 8.31
N ILE B 182 -49.24 -2.51 8.58
CA ILE B 182 -49.84 -2.70 9.90
C ILE B 182 -51.02 -3.67 9.72
N GLU B 183 -51.53 -4.18 10.85
CA GLU B 183 -52.75 -4.99 10.87
C GLU B 183 -53.81 -4.23 11.67
N ILE B 184 -54.96 -3.96 11.05
CA ILE B 184 -55.98 -3.09 11.64
C ILE B 184 -57.18 -3.87 12.16
N GLU B 185 -57.72 -4.80 11.36
CA GLU B 185 -58.71 -5.78 11.79
C GLU B 185 -60.12 -5.22 11.99
N GLU B 186 -60.27 -3.90 12.09
CA GLU B 186 -61.58 -3.39 12.45
C GLU B 186 -62.47 -3.16 11.24
N VAL B 187 -61.93 -3.30 10.04
CA VAL B 187 -62.66 -2.97 8.82
C VAL B 187 -63.86 -3.90 8.65
N ASP B 188 -64.94 -3.36 8.08
CA ASP B 188 -66.21 -4.07 8.04
C ASP B 188 -66.35 -4.99 6.83
N MSE B 189 -65.69 -4.67 5.71
CA MSE B 189 -65.66 -5.60 4.58
C MSE B 189 -67.07 -5.83 3.99
O MSE B 189 -67.51 -6.97 3.78
CB MSE B 189 -64.94 -6.88 5.05
CG MSE B 189 -64.95 -8.08 4.13
SE MSE B 189 -63.95 -7.98 2.49
CE MSE B 189 -64.75 -9.58 1.73
N ASN B 190 -67.79 -4.73 3.73
CA ASN B 190 -69.16 -4.80 3.21
C ASN B 190 -70.02 -5.77 3.99
N GLY B 191 -69.88 -5.74 5.32
CA GLY B 191 -70.53 -6.71 6.16
C GLY B 191 -69.85 -6.91 7.49
N LYS B 192 -69.53 -8.16 7.83
CA LYS B 192 -68.97 -8.48 9.13
C LYS B 192 -67.53 -7.98 9.26
N ARG B 193 -67.23 -7.32 10.38
CA ARG B 193 -65.87 -6.86 10.65
C ARG B 193 -64.92 -8.05 10.65
N VAL B 194 -63.80 -7.91 9.95
CA VAL B 194 -62.91 -9.05 9.75
C VAL B 194 -61.46 -8.55 9.68
N ARG B 195 -60.54 -9.40 10.11
CA ARG B 195 -59.14 -9.01 10.30
C ARG B 195 -58.42 -8.94 8.96
N ALA B 196 -57.90 -7.75 8.62
CA ALA B 196 -57.29 -7.50 7.33
C ALA B 196 -55.97 -6.79 7.51
N TRP B 197 -55.30 -6.48 6.39
CA TRP B 197 -53.97 -5.91 6.37
C TRP B 197 -54.02 -4.47 5.85
N LYS B 198 -53.47 -3.55 6.63
CA LYS B 198 -53.32 -2.15 6.23
C LYS B 198 -51.91 -1.98 5.67
N ILE B 199 -51.81 -1.74 4.36
CA ILE B 199 -50.55 -1.76 3.65
C ILE B 199 -50.30 -0.38 3.08
N ARG B 200 -49.25 0.30 3.58
CA ARG B 200 -48.81 1.56 2.98
C ARG B 200 -47.80 1.23 1.88
N HIS B 201 -48.13 1.62 0.65
CA HIS B 201 -47.30 1.28 -0.48
C HIS B 201 -47.34 2.42 -1.49
N PHE B 202 -46.29 2.52 -2.31
CA PHE B 202 -46.13 3.68 -3.17
C PHE B 202 -47.13 3.65 -4.31
N HIS B 203 -47.44 2.45 -4.82
CA HIS B 203 -48.41 2.25 -5.90
C HIS B 203 -47.95 3.08 -7.10
N ILE B 204 -48.73 4.02 -7.60
CA ILE B 204 -48.38 4.70 -8.85
C ILE B 204 -47.56 5.97 -8.60
N ASP B 205 -48.10 6.89 -7.81
CA ASP B 205 -47.52 8.23 -7.67
C ASP B 205 -47.17 8.61 -6.24
N GLN B 206 -47.71 7.93 -5.23
CA GLN B 206 -47.85 8.57 -3.94
C GLN B 206 -48.04 7.53 -2.84
N SER B 207 -47.51 7.84 -1.66
CA SER B 207 -47.72 7.03 -0.47
C SER B 207 -49.21 6.77 -0.27
N VAL B 208 -49.59 5.50 -0.34
CA VAL B 208 -50.99 5.08 -0.38
C VAL B 208 -51.20 3.93 0.60
N THR B 209 -52.31 3.98 1.33
CA THR B 209 -52.72 2.91 2.22
C THR B 209 -53.88 2.14 1.58
N SER B 210 -53.66 0.86 1.32
CA SER B 210 -54.68 -0.02 0.78
C SER B 210 -54.93 -1.17 1.74
N TYR B 211 -56.15 -1.68 1.72
CA TYR B 211 -56.55 -2.79 2.59
C TYR B 211 -56.64 -4.09 1.79
N LEU B 212 -56.10 -5.15 2.36
CA LEU B 212 -56.00 -6.44 1.69
C LEU B 212 -56.44 -7.52 2.66
N TYR B 213 -57.48 -8.28 2.31
CA TYR B 213 -57.98 -9.35 3.15
C TYR B 213 -57.81 -10.67 2.41
N ILE B 214 -56.93 -11.53 2.91
CA ILE B 214 -56.73 -12.88 2.39
C ILE B 214 -57.50 -13.82 3.29
N PRO B 215 -58.63 -14.39 2.85
CA PRO B 215 -59.48 -15.17 3.76
C PRO B 215 -58.78 -16.36 4.40
N ASP B 216 -57.95 -17.09 3.64
CA ASP B 216 -57.32 -18.31 4.14
C ASP B 216 -56.07 -17.94 4.91
N LYS B 217 -56.11 -18.13 6.23
CA LYS B 217 -54.99 -17.77 7.10
C LYS B 217 -53.75 -18.59 6.80
N GLN B 218 -53.90 -19.82 6.30
CA GLN B 218 -52.74 -20.55 5.82
C GLN B 218 -52.15 -19.92 4.56
N THR B 219 -53.00 -19.47 3.64
CA THR B 219 -52.51 -18.76 2.47
C THR B 219 -51.76 -17.50 2.88
N GLN B 220 -52.23 -16.83 3.94
CA GLN B 220 -51.54 -15.65 4.43
C GLN B 220 -50.11 -15.98 4.85
N LEU B 221 -49.94 -17.10 5.56
CA LEU B 221 -48.60 -17.52 5.95
C LEU B 221 -47.74 -17.80 4.74
N TYR B 222 -48.32 -18.36 3.70
CA TYR B 222 -47.54 -18.74 2.52
C TYR B 222 -47.02 -17.52 1.78
N VAL B 223 -47.86 -16.49 1.61
CA VAL B 223 -47.41 -15.29 0.92
C VAL B 223 -46.31 -14.61 1.74
N LEU B 224 -46.43 -14.63 3.07
CA LEU B 224 -45.41 -14.02 3.90
C LEU B 224 -44.09 -14.78 3.80
N ARG B 225 -44.14 -16.12 3.86
CA ARG B 225 -42.93 -16.90 3.66
C ARG B 225 -42.33 -16.63 2.29
N TYR B 226 -43.17 -16.59 1.25
CA TYR B 226 -42.66 -16.34 -0.09
C TYR B 226 -41.95 -14.99 -0.17
N LEU B 227 -42.59 -13.94 0.35
CA LEU B 227 -41.97 -12.62 0.29
C LEU B 227 -40.68 -12.58 1.10
N LEU B 228 -40.69 -13.18 2.29
CA LEU B 228 -39.47 -13.27 3.09
C LEU B 228 -38.38 -14.06 2.37
N LYS B 229 -38.75 -15.17 1.75
CA LYS B 229 -37.73 -16.03 1.14
C LYS B 229 -37.04 -15.34 -0.03
N TYR B 230 -37.82 -14.75 -0.94
CA TYR B 230 -37.27 -14.23 -2.19
C TYR B 230 -37.07 -12.73 -2.19
N ASN B 231 -37.56 -12.03 -1.17
CA ASN B 231 -37.18 -10.63 -0.91
C ASN B 231 -36.86 -10.50 0.57
N PRO B 232 -35.74 -11.06 1.03
CA PRO B 232 -35.40 -10.95 2.45
C PRO B 232 -35.21 -9.52 2.91
N ALA B 233 -34.98 -8.58 1.98
CA ALA B 233 -35.01 -7.18 2.31
C ALA B 233 -36.36 -6.78 2.91
N ILE B 234 -37.42 -7.50 2.56
CA ILE B 234 -38.77 -7.11 2.94
C ILE B 234 -38.99 -7.41 4.42
N MSE B 235 -38.01 -8.02 5.09
CA MSE B 235 -38.19 -8.39 6.51
C MSE B 235 -38.71 -7.29 7.40
O MSE B 235 -39.63 -7.49 8.19
CB MSE B 235 -36.89 -8.89 7.15
CG MSE B 235 -36.69 -10.39 7.08
SE MSE B 235 -35.05 -10.91 7.99
CE MSE B 235 -35.48 -10.43 9.83
N GLU B 236 -38.12 -6.11 7.29
CA GLU B 236 -38.66 -4.97 8.01
C GLU B 236 -40.07 -4.68 7.50
N PHE B 237 -40.87 -4.06 8.38
CA PHE B 237 -42.28 -3.73 8.19
C PHE B 237 -43.14 -4.99 8.31
N ILE B 238 -42.53 -6.18 8.26
CA ILE B 238 -43.30 -7.40 8.38
C ILE B 238 -43.64 -7.67 9.82
N MSE B 239 -42.73 -7.31 10.71
CA MSE B 239 -42.69 -7.85 12.06
C MSE B 239 -43.81 -7.24 12.89
O MSE B 239 -44.11 -7.70 13.98
CB MSE B 239 -41.33 -7.57 12.65
CG MSE B 239 -40.26 -7.94 11.65
SE MSE B 239 -38.49 -7.50 12.26
CE MSE B 239 -37.53 -7.66 10.59
N LYS B 240 -44.40 -6.18 12.35
CA LYS B 240 -45.66 -5.69 12.90
C LYS B 240 -46.79 -6.66 12.59
N VAL B 241 -46.58 -7.55 11.62
CA VAL B 241 -47.47 -8.68 11.38
C VAL B 241 -46.89 -9.98 11.97
N SER B 242 -45.83 -9.87 12.78
CA SER B 242 -45.32 -11.05 13.47
C SER B 242 -46.28 -11.54 14.54
N ASP B 243 -47.11 -10.65 15.08
CA ASP B 243 -48.30 -11.10 15.78
C ASP B 243 -49.18 -11.87 14.81
N ASP B 244 -49.96 -12.81 15.35
CA ASP B 244 -50.93 -13.59 14.59
C ASP B 244 -50.23 -14.61 13.68
N PHE B 245 -48.90 -14.60 13.62
CA PHE B 245 -48.10 -15.65 12.98
C PHE B 245 -46.97 -16.04 13.93
N PRO B 246 -47.21 -17.02 14.79
CA PRO B 246 -46.27 -17.32 15.87
C PRO B 246 -44.94 -17.89 15.40
N THR B 247 -44.98 -18.88 14.51
CA THR B 247 -43.74 -19.45 14.00
C THR B 247 -42.87 -18.39 13.36
N LEU B 248 -43.49 -17.36 12.78
CA LEU B 248 -42.72 -16.25 12.24
C LEU B 248 -42.06 -15.40 13.33
N LYS B 249 -42.85 -14.93 14.33
CA LYS B 249 -42.22 -14.22 15.45
C LYS B 249 -41.15 -15.05 16.15
N SER B 250 -41.30 -16.36 16.24
CA SER B 250 -40.24 -17.12 16.88
C SER B 250 -38.94 -17.04 16.08
N GLU B 251 -39.04 -17.23 14.77
CA GLU B 251 -37.86 -17.19 13.92
C GLU B 251 -37.24 -15.80 13.90
N PHE B 252 -38.06 -14.74 13.93
CA PHE B 252 -37.51 -13.39 14.04
C PHE B 252 -36.73 -13.22 15.33
N GLN B 253 -37.29 -13.68 16.46
CA GLN B 253 -36.57 -13.60 17.72
C GLN B 253 -35.22 -14.29 17.62
N GLU B 254 -35.20 -15.50 17.06
CA GLU B 254 -33.97 -16.27 17.01
C GLU B 254 -32.94 -15.66 16.06
N ILE B 255 -33.39 -14.99 15.00
CA ILE B 255 -32.45 -14.36 14.07
C ILE B 255 -31.75 -13.18 14.74
N MSE B 256 -32.53 -12.28 15.33
CA MSE B 256 -31.99 -11.06 15.92
C MSE B 256 -31.04 -11.37 17.07
O MSE B 256 -30.01 -10.72 17.23
CB MSE B 256 -33.13 -10.17 16.41
CG MSE B 256 -33.88 -9.46 15.32
SE MSE B 256 -35.45 -8.52 15.97
CE MSE B 256 -35.90 -7.61 14.33
N GLU B 257 -31.42 -12.35 17.88
CA GLU B 257 -30.57 -12.78 18.98
C GLU B 257 -29.27 -13.39 18.47
N LYS B 258 -29.35 -14.15 17.36
CA LYS B 258 -28.12 -14.67 16.77
C LYS B 258 -27.31 -13.56 16.12
N GLU B 259 -27.98 -12.50 15.64
CA GLU B 259 -27.26 -11.34 15.12
C GLU B 259 -26.58 -10.55 16.23
N ILE B 260 -27.27 -10.31 17.35
CA ILE B 260 -26.65 -9.49 18.39
C ILE B 260 -25.43 -10.22 18.96
N LYS B 261 -25.50 -11.54 19.09
CA LYS B 261 -24.33 -12.30 19.54
C LYS B 261 -23.19 -12.16 18.54
N GLU B 262 -23.49 -12.28 17.25
CA GLU B 262 -22.44 -12.13 16.24
C GLU B 262 -21.78 -10.76 16.34
N LEU B 263 -22.60 -9.70 16.49
CA LEU B 263 -22.06 -8.36 16.61
C LEU B 263 -21.16 -8.22 17.84
N GLU B 264 -21.59 -8.77 18.96
CA GLU B 264 -20.77 -8.72 20.17
C GLU B 264 -19.48 -9.51 20.03
N ALA B 265 -19.45 -10.48 19.10
CA ALA B 265 -18.26 -11.29 18.89
C ALA B 265 -17.18 -10.52 18.14
N LEU B 266 -17.56 -9.55 17.30
CA LEU B 266 -16.60 -8.80 16.52
C LEU B 266 -15.61 -8.09 17.41
N ASP B 267 -14.42 -7.83 16.86
CA ASP B 267 -13.37 -7.14 17.60
C ASP B 267 -13.90 -5.81 18.12
N GLU B 268 -13.61 -5.53 19.39
CA GLU B 268 -14.02 -4.26 19.97
C GLU B 268 -13.39 -3.09 19.23
N MSE B 269 -12.13 -3.23 18.83
CA MSE B 269 -11.43 -2.19 18.08
C MSE B 269 -12.05 -1.91 16.72
O MSE B 269 -12.27 -0.76 16.35
CB MSE B 269 -9.96 -2.56 17.90
CG MSE B 269 -9.16 -1.51 17.14
SE MSE B 269 -8.92 0.17 18.11
CE MSE B 269 -7.45 -0.36 19.27
N GLU B 270 -12.33 -2.98 15.96
CA GLU B 270 -12.86 -2.79 14.62
C GLU B 270 -14.22 -2.11 14.64
N LYS B 271 -15.06 -2.45 15.62
CA LYS B 271 -16.38 -1.85 15.71
C LYS B 271 -16.28 -0.34 15.91
N GLN B 272 -15.36 0.10 16.78
CA GLN B 272 -15.20 1.54 16.99
C GLN B 272 -14.66 2.25 15.76
N ILE B 273 -13.78 1.60 15.00
CA ILE B 273 -13.32 2.18 13.74
C ILE B 273 -14.48 2.32 12.77
N LEU B 274 -15.33 1.29 12.69
CA LEU B 274 -16.50 1.34 11.80
C LEU B 274 -17.42 2.49 12.18
N VAL B 275 -17.69 2.64 13.48
CA VAL B 275 -18.61 3.69 13.92
C VAL B 275 -17.99 5.07 13.70
N ALA B 276 -16.70 5.23 14.03
CA ALA B 276 -16.06 6.53 13.89
C ALA B 276 -16.01 6.97 12.43
N LEU B 277 -15.67 6.05 11.52
CA LEU B 277 -15.70 6.39 10.11
C LEU B 277 -17.13 6.68 9.64
N TYR B 278 -18.09 5.88 10.13
CA TYR B 278 -19.50 6.15 9.83
C TYR B 278 -19.90 7.55 10.28
N SER B 279 -19.40 7.97 11.44
CA SER B 279 -19.69 9.31 11.93
C SER B 279 -19.06 10.38 11.05
N GLY B 280 -17.83 10.15 10.59
CA GLY B 280 -17.19 11.10 9.70
C GLY B 280 -15.79 11.50 10.11
N ILE B 281 -15.20 10.77 11.05
CA ILE B 281 -13.82 11.06 11.46
C ILE B 281 -12.86 10.75 10.32
N ASN B 282 -11.90 11.66 10.13
CA ASN B 282 -10.89 11.50 9.10
C ASN B 282 -10.09 10.22 9.34
N PRO B 283 -9.97 9.34 8.33
CA PRO B 283 -9.20 8.10 8.52
C PRO B 283 -7.74 8.34 8.87
N LEU B 284 -7.15 9.43 8.37
CA LEU B 284 -5.76 9.74 8.68
C LEU B 284 -5.58 10.19 10.13
N GLU B 285 -6.65 10.67 10.77
CA GLU B 285 -6.59 11.13 12.14
C GLU B 285 -7.23 10.16 13.12
N LEU B 286 -7.85 9.07 12.62
CA LEU B 286 -8.61 8.17 13.49
C LEU B 286 -7.72 7.48 14.51
N HIS B 287 -6.49 7.11 14.11
CA HIS B 287 -5.58 6.49 15.07
C HIS B 287 -5.34 7.41 16.26
N GLN B 288 -5.36 8.72 16.03
CA GLN B 288 -5.17 9.66 17.14
C GLN B 288 -6.32 9.59 18.13
N PHE B 289 -7.57 9.55 17.65
CA PHE B 289 -8.69 9.57 18.59
C PHE B 289 -8.72 8.31 19.43
N LEU B 290 -8.42 7.17 18.82
CA LEU B 290 -8.43 5.89 19.52
C LEU B 290 -7.16 5.66 20.32
N GLY B 291 -6.19 6.57 20.26
CA GLY B 291 -4.94 6.41 20.98
C GLY B 291 -4.15 5.21 20.52
N VAL B 292 -3.94 5.11 19.20
CA VAL B 292 -3.28 3.96 18.59
C VAL B 292 -2.24 4.48 17.61
N SER B 293 -1.17 3.71 17.44
CA SER B 293 -0.08 4.11 16.55
C SER B 293 -0.49 4.00 15.09
N GLU B 294 0.21 4.77 14.24
CA GLU B 294 -0.04 4.74 12.80
C GLU B 294 0.24 3.36 12.20
N LYS B 295 1.29 2.69 12.68
CA LYS B 295 1.59 1.36 12.15
C LYS B 295 0.44 0.40 12.42
N GLU B 296 -0.11 0.44 13.64
CA GLU B 296 -1.17 -0.51 14.01
C GLU B 296 -2.48 -0.19 13.29
N ILE B 297 -2.82 1.09 13.13
CA ILE B 297 -4.07 1.45 12.48
C ILE B 297 -4.06 0.98 11.04
N GLU B 298 -2.93 1.14 10.34
CA GLU B 298 -2.84 0.69 8.96
C GLU B 298 -2.84 -0.82 8.87
N GLU B 299 -2.31 -1.49 9.90
CA GLU B 299 -2.41 -2.95 9.98
C GLU B 299 -3.86 -3.37 10.15
N ILE B 300 -4.59 -2.73 11.06
CA ILE B 300 -5.99 -3.07 11.27
C ILE B 300 -6.82 -2.74 10.03
N TYR B 301 -6.49 -1.63 9.35
CA TYR B 301 -7.15 -1.33 8.08
C TYR B 301 -6.97 -2.49 7.09
N ASP B 302 -5.80 -3.13 7.10
CA ASP B 302 -5.57 -4.21 6.15
C ASP B 302 -6.31 -5.48 6.54
N ARG B 303 -6.50 -5.73 7.83
CA ARG B 303 -7.32 -6.87 8.24
C ARG B 303 -8.79 -6.64 7.92
N MSE B 304 -9.27 -5.41 8.14
CA MSE B 304 -10.51 -4.95 7.53
C MSE B 304 -10.16 -4.83 6.04
O MSE B 304 -9.04 -5.17 5.67
CB MSE B 304 -10.96 -3.63 8.18
CG MSE B 304 -11.09 -3.74 9.71
SE MSE B 304 -11.65 -2.15 10.74
CE MSE B 304 -10.10 -1.05 10.47
N ILE B 305 -11.08 -4.41 5.18
CA ILE B 305 -10.85 -4.43 3.73
C ILE B 305 -10.84 -5.89 3.26
N ASP B 306 -9.93 -6.70 3.81
CA ASP B 306 -9.94 -8.13 3.52
C ASP B 306 -11.28 -8.73 3.91
N LYS B 307 -11.77 -8.41 5.11
CA LYS B 307 -13.07 -8.86 5.55
C LYS B 307 -14.20 -8.17 4.81
N GLY B 308 -13.88 -7.17 3.97
CA GLY B 308 -14.85 -6.53 3.11
C GLY B 308 -15.51 -5.31 3.69
N LEU B 309 -15.07 -4.83 4.84
CA LEU B 309 -15.77 -3.76 5.56
C LEU B 309 -15.34 -2.38 5.10
N LEU B 310 -14.09 -2.22 4.69
CA LEU B 310 -13.50 -0.94 4.32
C LEU B 310 -12.96 -1.03 2.90
N LYS B 311 -12.73 0.13 2.30
CA LYS B 311 -12.19 0.18 0.95
C LYS B 311 -11.27 1.38 0.84
N ILE B 312 -10.12 1.20 0.18
CA ILE B 312 -9.17 2.29 0.04
C ILE B 312 -9.72 3.33 -0.91
N VAL B 313 -9.78 4.57 -0.45
CA VAL B 313 -10.21 5.68 -1.30
C VAL B 313 -9.02 6.36 -1.94
N MSE B 314 -7.94 6.50 -1.17
CA MSE B 314 -6.71 7.10 -1.66
C MSE B 314 -5.51 6.61 -0.87
O MSE B 314 -5.61 6.22 0.29
CB MSE B 314 -6.81 8.63 -1.60
CG MSE B 314 -5.60 9.35 -2.14
SE MSE B 314 -5.89 11.25 -2.34
CE MSE B 314 -6.80 11.22 -4.07
N ILE B 315 -4.35 6.61 -1.53
CA ILE B 315 -3.08 6.22 -0.93
C ILE B 315 -2.29 7.48 -0.65
N ARG B 316 -2.05 7.77 0.63
CA ARG B 316 -1.18 8.86 1.06
C ARG B 316 0.11 8.27 1.59
N LYS B 317 1.24 8.84 1.20
CA LYS B 317 2.53 8.29 1.61
C LYS B 317 3.32 9.34 2.38
N ILE B 318 3.72 8.97 3.59
CA ILE B 318 4.60 9.81 4.40
C ILE B 318 6.00 9.72 3.82
N VAL B 319 6.59 10.87 3.53
CA VAL B 319 7.78 10.89 2.70
C VAL B 319 8.86 11.71 3.41
N ASP B 320 10.11 11.34 3.16
CA ASP B 320 11.25 11.91 3.87
C ASP B 320 12.37 12.19 2.87
N LEU B 321 13.24 13.14 3.23
CA LEU B 321 14.37 13.46 2.37
C LEU B 321 15.36 12.32 2.32
N THR B 322 15.96 12.12 1.15
CA THR B 322 17.10 11.23 1.03
C THR B 322 18.38 11.99 1.34
N ASN B 323 19.50 11.25 1.37
CA ASN B 323 20.79 11.89 1.51
C ASN B 323 21.03 12.87 0.37
N GLU B 324 20.56 12.53 -0.82
CA GLU B 324 20.67 13.45 -1.95
C GLU B 324 19.72 14.63 -1.80
N GLY B 325 18.54 14.42 -1.22
CA GLY B 325 17.67 15.54 -0.92
C GLY B 325 18.31 16.53 0.03
N ARG B 326 19.00 16.03 1.06
CA ARG B 326 19.69 16.92 1.99
C ARG B 326 20.81 17.68 1.29
N LYS B 327 21.57 17.01 0.42
CA LYS B 327 22.64 17.67 -0.31
C LYS B 327 22.13 18.92 -1.01
N ILE B 328 21.01 18.79 -1.72
CA ILE B 328 20.45 19.93 -2.44
C ILE B 328 19.99 21.00 -1.46
N VAL B 329 19.24 20.60 -0.45
CA VAL B 329 18.69 21.61 0.46
C VAL B 329 19.83 22.25 1.27
N ASN B 330 20.88 21.48 1.57
CA ASN B 330 22.04 22.06 2.22
C ASN B 330 22.77 23.03 1.30
N LYS B 331 22.88 22.70 0.02
CA LYS B 331 23.55 23.59 -0.93
C LYS B 331 22.76 24.89 -1.10
N LEU B 332 21.42 24.80 -1.12
CA LEU B 332 20.61 26.00 -1.33
C LEU B 332 20.90 27.06 -0.29
N LEU B 333 20.86 26.70 0.99
CA LEU B 333 21.11 27.68 2.03
C LEU B 333 22.61 27.91 2.25
N LYS B 334 23.45 26.94 1.83
CA LYS B 334 24.89 27.18 1.80
C LYS B 334 25.23 28.33 0.86
N TYR B 335 24.56 28.42 -0.27
CA TYR B 335 24.72 29.55 -1.18
C TYR B 335 23.70 30.65 -0.92
N GLY B 336 22.90 30.52 0.13
CA GLY B 336 21.94 31.56 0.47
C GLY B 336 20.78 31.71 -0.48
N LEU B 337 20.44 30.66 -1.23
CA LEU B 337 19.32 30.74 -2.17
C LEU B 337 17.97 30.48 -1.51
N VAL B 338 17.94 30.03 -0.26
CA VAL B 338 16.71 29.78 0.47
C VAL B 338 16.85 30.37 1.86
N SER B 339 15.80 31.02 2.34
CA SER B 339 15.83 31.76 3.59
C SER B 339 15.27 30.92 4.74
N MSE B 340 16.17 30.47 5.62
CA MSE B 340 15.78 29.95 6.94
C MSE B 340 16.71 30.52 8.00
O MSE B 340 17.86 30.10 8.13
CB MSE B 340 15.81 28.43 6.99
CG MSE B 340 14.64 27.74 6.33
SE MSE B 340 14.76 25.80 6.55
CE MSE B 340 14.43 25.68 8.46
#